data_6PRX
#
_entry.id   6PRX
#
_cell.length_a   69.204
_cell.length_b   104.938
_cell.length_c   106.294
_cell.angle_alpha   90.000
_cell.angle_beta   90.000
_cell.angle_gamma   90.000
#
_symmetry.space_group_name_H-M   'P 21 21 21'
#
loop_
_entity.id
_entity.type
_entity.pdbx_description
1 polymer 'Branched-chain-amino-acid aminotransferase, mitochondrial'
2 non-polymer "PYRIDOXAL-5'-PHOSPHATE"
#
_entity_poly.entity_id   1
_entity_poly.type   'polypeptide(L)'
_entity_poly.pdbx_seq_one_letter_code
;MGGSHHHHHHGMASGSHMASSSFKAADLQLEMTQKPHKKPGPGEPLVFGKTFTDHMLMVEWNDKGWGQPRIQPFQNLTLH
PASSSLHYSLQLFEGMKAFKGKDQQVRLFRPWLNMDRMLRSAMRL(OCS)LPSFDKLELLECIRRLIEVDKDWVPDAAGT
SLYVRPVLIGNEPSLGVSQPRRALLFVILCPVGAYFPGGSVTPVSLLADPAFIRAWVGGVGNYKLGGNYGPTVLVQQEAL
KRGCEQVLWLYGPDHQLTEVGTMNIFVYWTHEDGVLELVTPPLNGVILPGVVRQSLLDMAQTWGEFRVVERTITMKQLLR
ALEEGRVREVFGSGTA(OCS)QVAPVHRILYKDRNLHIPTMENGPELILRFQKELKEIQYGIRAHEWMFPV
;
_entity_poly.pdbx_strand_id   A,B
#
loop_
_chem_comp.id
_chem_comp.type
_chem_comp.name
_chem_comp.formula
PLP non-polymer PYRIDOXAL-5'-PHOSPHATE 'C8 H10 N O6 P'
#
# COMPACT_ATOMS: atom_id res chain seq x y z
N SER A 21 -0.25 -27.65 1.47
CA SER A 21 -0.94 -27.49 0.15
C SER A 21 -2.07 -26.46 0.27
N SER A 22 -3.09 -26.77 1.09
CA SER A 22 -4.29 -25.92 1.33
C SER A 22 -5.07 -26.43 2.54
N PHE A 23 -5.83 -25.54 3.19
CA PHE A 23 -6.79 -25.86 4.28
C PHE A 23 -8.03 -26.49 3.65
N LYS A 24 -8.69 -27.38 4.39
CA LYS A 24 -9.88 -28.16 3.93
C LYS A 24 -11.13 -27.72 4.70
N ALA A 25 -12.29 -27.79 4.06
CA ALA A 25 -13.61 -27.47 4.65
C ALA A 25 -14.00 -28.56 5.66
N ALA A 26 -13.47 -29.78 5.49
CA ALA A 26 -13.72 -30.96 6.35
C ALA A 26 -13.15 -30.72 7.76
N ASP A 27 -12.03 -30.02 7.87
CA ASP A 27 -11.28 -29.79 9.13
C ASP A 27 -11.83 -28.56 9.88
N LEU A 28 -12.87 -27.93 9.33
CA LEU A 28 -13.43 -26.65 9.83
C LEU A 28 -13.99 -26.83 11.25
N GLN A 29 -13.45 -26.08 12.22
CA GLN A 29 -13.93 -26.05 13.63
C GLN A 29 -14.97 -24.94 13.78
N LEU A 30 -16.00 -25.18 14.60
CA LEU A 30 -17.15 -24.26 14.81
C LEU A 30 -17.26 -23.90 16.30
N GLU A 31 -16.83 -22.70 16.66
CA GLU A 31 -17.00 -22.09 18.01
C GLU A 31 -18.13 -21.05 17.94
N MET A 32 -19.33 -21.43 18.38
CA MET A 32 -20.54 -20.55 18.38
C MET A 32 -20.35 -19.45 19.44
N THR A 33 -21.00 -18.31 19.23
CA THR A 33 -20.90 -17.08 20.08
C THR A 33 -21.66 -17.31 21.40
N GLN A 34 -21.18 -16.70 22.49
CA GLN A 34 -21.86 -16.66 23.81
C GLN A 34 -22.12 -15.19 24.21
N LYS A 35 -22.14 -14.29 23.22
CA LYS A 35 -22.35 -12.82 23.39
C LYS A 35 -22.84 -12.25 22.07
N PRO A 36 -23.98 -12.74 21.53
CA PRO A 36 -24.45 -12.33 20.20
C PRO A 36 -24.83 -10.84 20.17
N HIS A 37 -24.34 -10.11 19.16
CA HIS A 37 -24.64 -8.67 18.94
C HIS A 37 -26.10 -8.51 18.49
N LYS A 38 -26.69 -7.34 18.76
CA LYS A 38 -28.08 -6.98 18.38
C LYS A 38 -28.16 -6.85 16.86
N LYS A 39 -29.23 -7.35 16.25
CA LYS A 39 -29.57 -7.12 14.81
C LYS A 39 -30.22 -5.74 14.68
N PRO A 40 -30.06 -5.04 13.53
CA PRO A 40 -30.58 -3.67 13.38
C PRO A 40 -32.11 -3.63 13.27
N GLY A 41 -32.72 -2.52 13.71
CA GLY A 41 -34.18 -2.30 13.73
C GLY A 41 -34.68 -1.77 12.40
N VAL A 47 -26.38 1.66 7.07
CA VAL A 47 -25.02 2.24 7.24
C VAL A 47 -23.98 1.20 6.79
N PHE A 48 -23.41 1.37 5.60
CA PHE A 48 -22.53 0.39 4.92
C PHE A 48 -21.28 0.10 5.77
N GLY A 49 -21.07 -1.17 6.10
CA GLY A 49 -19.81 -1.71 6.68
C GLY A 49 -19.47 -1.10 8.02
N LYS A 50 -20.46 -0.89 8.89
CA LYS A 50 -20.28 -0.45 10.30
C LYS A 50 -20.92 -1.48 11.24
N THR A 51 -22.06 -2.07 10.85
CA THR A 51 -22.74 -3.18 11.56
C THR A 51 -22.16 -4.51 11.05
N PHE A 52 -21.64 -5.34 11.98
CA PHE A 52 -21.01 -6.66 11.67
C PHE A 52 -21.82 -7.77 12.33
N THR A 53 -21.68 -9.00 11.83
CA THR A 53 -22.39 -10.21 12.31
C THR A 53 -21.65 -10.78 13.52
N ASP A 54 -22.14 -11.91 14.07
CA ASP A 54 -21.68 -12.49 15.35
C ASP A 54 -20.42 -13.35 15.14
N HIS A 55 -20.19 -13.83 13.91
CA HIS A 55 -19.14 -14.84 13.60
C HIS A 55 -18.20 -14.34 12.51
N MET A 56 -17.01 -14.95 12.43
CA MET A 56 -15.94 -14.66 11.45
C MET A 56 -15.14 -15.93 11.18
N LEU A 57 -14.72 -16.15 9.94
CA LEU A 57 -13.79 -17.24 9.54
C LEU A 57 -12.36 -16.80 9.90
N MET A 58 -11.47 -17.75 10.16
CA MET A 58 -10.04 -17.47 10.50
C MET A 58 -9.19 -18.71 10.27
N VAL A 59 -8.22 -18.62 9.35
CA VAL A 59 -7.22 -19.67 9.04
C VAL A 59 -5.82 -19.04 9.13
N GLU A 60 -4.91 -19.67 9.86
CA GLU A 60 -3.50 -19.22 10.03
C GLU A 60 -2.60 -20.01 9.09
N TRP A 61 -1.52 -19.38 8.62
CA TRP A 61 -0.44 -20.01 7.81
C TRP A 61 0.91 -19.75 8.48
N ASN A 62 1.84 -20.71 8.40
CA ASN A 62 3.20 -20.62 8.99
C ASN A 62 4.16 -21.49 8.17
N ASP A 63 5.34 -21.81 8.72
CA ASP A 63 6.37 -22.70 8.11
C ASP A 63 5.74 -24.07 7.82
N LYS A 64 4.99 -24.61 8.78
CA LYS A 64 4.36 -25.97 8.73
C LYS A 64 3.31 -26.00 7.61
N GLY A 65 2.61 -24.87 7.38
CA GLY A 65 1.60 -24.71 6.32
C GLY A 65 0.28 -24.22 6.88
N TRP A 66 -0.80 -24.42 6.12
CA TRP A 66 -2.18 -24.01 6.50
C TRP A 66 -2.67 -24.82 7.70
N GLY A 67 -3.07 -24.13 8.78
CA GLY A 67 -3.74 -24.73 9.95
C GLY A 67 -5.19 -25.02 9.65
N GLN A 68 -5.92 -25.59 10.62
CA GLN A 68 -7.37 -25.89 10.51
C GLN A 68 -8.13 -24.57 10.42
N PRO A 69 -9.12 -24.44 9.51
CA PRO A 69 -9.95 -23.24 9.45
C PRO A 69 -10.91 -23.18 10.65
N ARG A 70 -11.19 -21.97 11.13
CA ARG A 70 -11.95 -21.70 12.38
C ARG A 70 -13.11 -20.75 12.07
N ILE A 71 -14.35 -21.14 12.39
CA ILE A 71 -15.51 -20.22 12.53
C ILE A 71 -15.62 -19.85 14.02
N GLN A 72 -15.06 -18.70 14.39
CA GLN A 72 -15.00 -18.19 15.79
C GLN A 72 -15.99 -17.05 15.95
N PRO A 73 -16.33 -16.64 17.19
CA PRO A 73 -17.10 -15.43 17.42
C PRO A 73 -16.34 -14.19 16.93
N PHE A 74 -17.04 -13.08 16.69
CA PHE A 74 -16.45 -11.80 16.22
C PHE A 74 -15.56 -11.22 17.31
N GLN A 75 -14.27 -11.54 17.27
CA GLN A 75 -13.22 -11.09 18.23
C GLN A 75 -12.32 -10.05 17.54
N ASN A 76 -11.44 -9.41 18.31
CA ASN A 76 -10.36 -8.52 17.81
C ASN A 76 -9.19 -9.39 17.31
N LEU A 77 -8.31 -8.83 16.48
CA LEU A 77 -7.08 -9.49 15.97
C LEU A 77 -5.93 -9.21 16.94
N THR A 78 -5.09 -10.22 17.19
CA THR A 78 -3.84 -10.12 18.00
C THR A 78 -2.64 -10.22 17.07
N LEU A 79 -2.06 -9.08 16.69
CA LEU A 79 -0.94 -8.97 15.73
C LEU A 79 0.34 -8.54 16.46
N HIS A 80 1.49 -9.04 15.98
CA HIS A 80 2.84 -8.64 16.46
C HIS A 80 3.13 -7.22 16.01
N PRO A 81 3.72 -6.35 16.87
CA PRO A 81 3.97 -4.95 16.49
C PRO A 81 4.74 -4.78 15.18
N ALA A 82 5.54 -5.77 14.79
CA ALA A 82 6.33 -5.81 13.54
C ALA A 82 5.64 -6.69 12.48
N SER A 83 4.31 -6.80 12.53
CA SER A 83 3.49 -7.58 11.57
C SER A 83 3.59 -6.93 10.18
N SER A 84 4.01 -7.70 9.17
CA SER A 84 4.26 -7.25 7.78
C SER A 84 3.03 -6.53 7.23
N SER A 85 1.83 -6.89 7.69
CA SER A 85 0.53 -6.30 7.29
C SER A 85 0.48 -4.80 7.61
N LEU A 86 1.10 -4.39 8.72
CA LEU A 86 1.02 -3.01 9.28
C LEU A 86 2.20 -2.15 8.80
N HIS A 87 3.28 -2.77 8.33
CA HIS A 87 4.56 -2.09 8.00
C HIS A 87 4.71 -1.90 6.48
N TYR A 88 4.61 -3.00 5.71
CA TYR A 88 4.93 -3.04 4.26
C TYR A 88 3.67 -3.39 3.46
N SER A 89 2.49 -3.11 4.03
CA SER A 89 1.16 -3.25 3.38
C SER A 89 1.05 -4.59 2.66
N LEU A 90 1.53 -5.68 3.27
CA LEU A 90 1.30 -7.06 2.77
C LEU A 90 -0.12 -7.48 3.17
N GLN A 91 -1.11 -6.91 2.49
CA GLN A 91 -2.56 -7.05 2.78
C GLN A 91 -3.34 -6.99 1.47
N LEU A 92 -4.38 -7.82 1.35
CA LEU A 92 -5.35 -7.82 0.22
C LEU A 92 -6.73 -8.23 0.76
N PHE A 93 -7.80 -7.81 0.09
CA PHE A 93 -9.20 -8.09 0.48
C PHE A 93 -10.05 -8.36 -0.77
N GLU A 94 -11.32 -8.69 -0.56
CA GLU A 94 -12.32 -8.94 -1.64
C GLU A 94 -13.69 -8.46 -1.16
N GLY A 95 -14.61 -8.22 -2.09
CA GLY A 95 -15.97 -7.74 -1.84
C GLY A 95 -16.99 -8.44 -2.71
N MET A 96 -17.88 -9.24 -2.11
CA MET A 96 -18.98 -9.95 -2.81
C MET A 96 -20.22 -9.96 -1.90
N LYS A 97 -21.41 -9.96 -2.51
CA LYS A 97 -22.72 -9.84 -1.82
C LYS A 97 -23.45 -11.18 -1.86
N ALA A 98 -24.14 -11.51 -0.75
CA ALA A 98 -25.05 -12.67 -0.62
C ALA A 98 -26.49 -12.15 -0.55
N PHE A 99 -27.35 -12.58 -1.48
CA PHE A 99 -28.73 -12.07 -1.67
C PHE A 99 -29.75 -13.12 -1.21
N LYS A 100 -30.52 -12.81 -0.17
CA LYS A 100 -31.67 -13.63 0.30
C LYS A 100 -32.87 -13.36 -0.60
N GLY A 101 -33.31 -14.38 -1.35
CA GLY A 101 -34.41 -14.28 -2.32
C GLY A 101 -35.78 -14.25 -1.64
N LYS A 102 -36.85 -14.34 -2.44
CA LYS A 102 -38.26 -14.34 -1.95
C LYS A 102 -38.53 -15.65 -1.22
N ASP A 103 -38.02 -16.77 -1.74
CA ASP A 103 -38.08 -18.12 -1.11
C ASP A 103 -37.20 -18.16 0.14
N GLN A 104 -36.45 -17.09 0.41
CA GLN A 104 -35.60 -16.88 1.62
C GLN A 104 -34.38 -17.81 1.56
N GLN A 105 -33.98 -18.22 0.35
CA GLN A 105 -32.71 -18.97 0.08
C GLN A 105 -31.63 -17.94 -0.27
N VAL A 106 -30.50 -17.98 0.43
CA VAL A 106 -29.33 -17.06 0.23
C VAL A 106 -28.47 -17.60 -0.91
N ARG A 107 -28.00 -16.72 -1.79
CA ARG A 107 -27.14 -17.07 -2.96
C ARG A 107 -26.03 -16.01 -3.10
N LEU A 108 -24.80 -16.45 -3.41
CA LEU A 108 -23.64 -15.56 -3.70
C LEU A 108 -23.58 -15.30 -5.21
N PHE A 109 -23.29 -14.05 -5.60
CA PHE A 109 -23.22 -13.61 -7.02
C PHE A 109 -21.80 -13.85 -7.55
N ARG A 110 -21.64 -14.83 -8.45
CA ARG A 110 -20.37 -15.19 -9.14
C ARG A 110 -19.22 -15.15 -8.16
N PRO A 111 -19.29 -15.92 -7.04
CA PRO A 111 -18.23 -15.89 -6.02
C PRO A 111 -16.88 -16.39 -6.53
N TRP A 112 -16.89 -17.23 -7.57
CA TRP A 112 -15.70 -17.90 -8.15
C TRP A 112 -14.72 -16.85 -8.67
N LEU A 113 -15.22 -15.78 -9.29
CA LEU A 113 -14.40 -14.69 -9.88
C LEU A 113 -13.72 -13.89 -8.76
N ASN A 114 -14.41 -13.71 -7.63
CA ASN A 114 -13.88 -13.05 -6.40
C ASN A 114 -12.76 -13.92 -5.81
N MET A 115 -12.90 -15.24 -5.88
CA MET A 115 -11.90 -16.24 -5.40
C MET A 115 -10.70 -16.26 -6.35
N ASP A 116 -10.94 -16.11 -7.66
CA ASP A 116 -9.89 -16.06 -8.72
C ASP A 116 -9.01 -14.82 -8.49
N ARG A 117 -9.64 -13.65 -8.34
CA ARG A 117 -8.97 -12.33 -8.16
C ARG A 117 -8.20 -12.30 -6.84
N MET A 118 -8.71 -12.99 -5.81
CA MET A 118 -8.09 -13.05 -4.46
C MET A 118 -6.77 -13.81 -4.53
N LEU A 119 -6.74 -14.93 -5.25
CA LEU A 119 -5.53 -15.79 -5.41
C LEU A 119 -4.48 -15.04 -6.24
N ARG A 120 -4.90 -14.32 -7.29
CA ARG A 120 -4.02 -13.51 -8.17
C ARG A 120 -3.39 -12.38 -7.35
N SER A 121 -4.14 -11.81 -6.40
CA SER A 121 -3.68 -10.78 -5.44
C SER A 121 -2.61 -11.38 -4.51
N ALA A 122 -2.90 -12.56 -3.97
CA ALA A 122 -2.04 -13.28 -3.00
C ALA A 122 -0.67 -13.58 -3.62
N MET A 123 -0.66 -14.09 -4.86
CA MET A 123 0.58 -14.43 -5.61
C MET A 123 1.42 -13.17 -5.87
N ARG A 124 0.77 -12.00 -5.99
CA ARG A 124 1.43 -10.70 -6.29
C ARG A 124 2.18 -10.20 -5.04
N LEU A 125 1.67 -10.50 -3.84
CA LEU A 125 2.26 -10.04 -2.54
C LEU A 125 2.98 -11.19 -1.84
N OCS A 126 3.19 -12.31 -2.55
CA OCS A 126 3.94 -13.45 -2.04
CB OCS A 126 5.41 -13.11 -1.82
SG OCS A 126 6.19 -12.72 -3.35
C OCS A 126 3.28 -14.02 -0.79
O OCS A 126 3.97 -14.46 0.14
OD1 OCS A 126 7.59 -13.04 -3.22
OD3 OCS A 126 5.99 -11.19 -3.52
N LEU A 127 1.95 -14.01 -0.78
CA LEU A 127 1.17 -14.60 0.30
C LEU A 127 0.74 -15.99 -0.11
N PRO A 128 0.46 -16.91 0.84
CA PRO A 128 0.23 -18.31 0.53
C PRO A 128 -0.99 -18.55 -0.37
N SER A 129 -0.81 -19.35 -1.43
CA SER A 129 -1.89 -19.85 -2.32
C SER A 129 -2.72 -20.89 -1.58
N PHE A 130 -4.01 -20.99 -1.93
CA PHE A 130 -5.01 -21.89 -1.29
C PHE A 130 -5.96 -22.43 -2.38
N ASP A 131 -6.78 -23.41 -2.03
CA ASP A 131 -7.84 -23.96 -2.91
C ASP A 131 -9.03 -22.98 -2.88
N LYS A 132 -9.41 -22.46 -4.05
CA LYS A 132 -10.49 -21.45 -4.22
C LYS A 132 -11.83 -22.03 -3.74
N LEU A 133 -12.10 -23.29 -4.14
CA LEU A 133 -13.37 -23.99 -3.86
C LEU A 133 -13.49 -24.30 -2.36
N GLU A 134 -12.37 -24.52 -1.67
CA GLU A 134 -12.32 -24.83 -0.22
C GLU A 134 -12.69 -23.56 0.59
N LEU A 135 -12.08 -22.42 0.25
CA LEU A 135 -12.36 -21.12 0.92
C LEU A 135 -13.83 -20.74 0.70
N LEU A 136 -14.33 -20.92 -0.52
CA LEU A 136 -15.75 -20.65 -0.89
C LEU A 136 -16.68 -21.45 0.03
N GLU A 137 -16.38 -22.73 0.23
CA GLU A 137 -17.16 -23.67 1.09
C GLU A 137 -17.14 -23.18 2.54
N CYS A 138 -15.98 -22.70 3.02
CA CYS A 138 -15.80 -22.13 4.38
C CYS A 138 -16.64 -20.86 4.52
N ILE A 139 -16.61 -19.99 3.50
CA ILE A 139 -17.43 -18.74 3.43
C ILE A 139 -18.91 -19.12 3.37
N ARG A 140 -19.26 -20.18 2.64
CA ARG A 140 -20.65 -20.69 2.53
C ARG A 140 -21.12 -21.11 3.92
N ARG A 141 -20.33 -21.91 4.64
CA ARG A 141 -20.64 -22.42 6.00
C ARG A 141 -20.77 -21.24 6.98
N LEU A 142 -19.92 -20.22 6.84
CA LEU A 142 -19.92 -19.01 7.71
C LEU A 142 -21.24 -18.26 7.55
N ILE A 143 -21.72 -18.09 6.31
CA ILE A 143 -23.00 -17.41 5.98
C ILE A 143 -24.16 -18.29 6.44
N GLU A 144 -24.01 -19.62 6.36
CA GLU A 144 -25.00 -20.61 6.84
C GLU A 144 -25.24 -20.41 8.35
N VAL A 145 -24.17 -20.18 9.11
CA VAL A 145 -24.21 -19.95 10.60
C VAL A 145 -24.94 -18.64 10.88
N ASP A 146 -24.58 -17.56 10.18
CA ASP A 146 -25.17 -16.20 10.33
C ASP A 146 -26.26 -16.00 9.29
N LYS A 147 -27.08 -17.03 9.03
CA LYS A 147 -28.14 -17.05 7.99
C LYS A 147 -29.19 -15.98 8.31
N ASP A 148 -29.46 -15.74 9.61
CA ASP A 148 -30.50 -14.81 10.10
C ASP A 148 -30.06 -13.35 9.88
N TRP A 149 -28.76 -13.10 9.78
CA TRP A 149 -28.17 -11.74 9.59
C TRP A 149 -28.47 -11.21 8.19
N VAL A 150 -28.73 -12.09 7.22
CA VAL A 150 -28.98 -11.73 5.78
C VAL A 150 -30.37 -11.10 5.69
N PRO A 151 -30.48 -9.82 5.25
CA PRO A 151 -31.79 -9.18 5.06
C PRO A 151 -32.44 -9.59 3.74
N ASP A 152 -33.77 -9.59 3.70
CA ASP A 152 -34.61 -9.95 2.53
C ASP A 152 -35.42 -8.72 2.08
N ALA A 153 -35.04 -7.53 2.55
CA ALA A 153 -35.67 -6.24 2.18
C ALA A 153 -35.25 -5.85 0.76
N ALA A 154 -35.97 -4.90 0.15
CA ALA A 154 -35.77 -4.44 -1.25
C ALA A 154 -34.40 -3.76 -1.37
N GLY A 155 -33.55 -4.28 -2.25
CA GLY A 155 -32.22 -3.72 -2.59
C GLY A 155 -31.22 -3.87 -1.45
N THR A 156 -31.42 -4.84 -0.56
CA THR A 156 -30.53 -5.14 0.60
C THR A 156 -29.89 -6.51 0.41
N SER A 157 -28.70 -6.71 1.01
CA SER A 157 -27.89 -7.95 0.92
C SER A 157 -26.98 -8.07 2.15
N LEU A 158 -26.17 -9.12 2.20
CA LEU A 158 -25.06 -9.29 3.16
C LEU A 158 -23.74 -9.13 2.41
N TYR A 159 -22.91 -8.15 2.81
CA TYR A 159 -21.57 -7.88 2.24
C TYR A 159 -20.56 -8.84 2.88
N VAL A 160 -19.84 -9.59 2.06
CA VAL A 160 -18.76 -10.55 2.48
C VAL A 160 -17.41 -9.87 2.25
N ARG A 161 -16.52 -9.87 3.25
CA ARG A 161 -15.19 -9.21 3.22
C ARG A 161 -14.12 -10.21 3.61
N PRO A 162 -13.68 -11.10 2.68
CA PRO A 162 -12.51 -11.93 2.90
C PRO A 162 -11.22 -11.10 2.84
N VAL A 163 -10.29 -11.37 3.76
CA VAL A 163 -8.98 -10.64 3.90
C VAL A 163 -7.87 -11.68 4.05
N LEU A 164 -6.71 -11.42 3.44
CA LEU A 164 -5.45 -12.19 3.63
C LEU A 164 -4.30 -11.20 3.88
N ILE A 165 -3.57 -11.37 4.98
CA ILE A 165 -2.48 -10.45 5.43
C ILE A 165 -1.25 -11.26 5.82
N GLY A 166 -0.06 -10.68 5.64
CA GLY A 166 1.22 -11.21 6.17
C GLY A 166 1.35 -10.88 7.65
N ASN A 167 1.95 -11.78 8.43
CA ASN A 167 1.98 -11.69 9.92
C ASN A 167 3.29 -12.25 10.47
N GLU A 168 4.40 -12.06 9.74
CA GLU A 168 5.75 -12.46 10.21
C GLU A 168 6.26 -11.39 11.18
N PRO A 169 6.67 -11.77 12.42
CA PRO A 169 7.19 -10.80 13.38
C PRO A 169 8.63 -10.38 13.00
N SER A 170 8.75 -9.54 11.96
CA SER A 170 10.03 -9.15 11.32
C SER A 170 9.85 -7.84 10.54
N LEU A 171 10.87 -6.97 10.57
CA LEU A 171 10.91 -5.69 9.81
C LEU A 171 11.64 -5.90 8.47
N GLY A 172 12.07 -7.13 8.17
CA GLY A 172 12.64 -7.49 6.87
C GLY A 172 11.59 -7.45 5.78
N VAL A 173 11.84 -6.71 4.68
CA VAL A 173 10.93 -6.63 3.50
C VAL A 173 11.18 -7.89 2.65
N SER A 174 10.53 -9.00 3.03
CA SER A 174 10.69 -10.34 2.41
C SER A 174 9.33 -11.06 2.38
N GLN A 175 9.28 -12.22 1.71
CA GLN A 175 8.09 -13.12 1.69
C GLN A 175 7.76 -13.50 3.13
N PRO A 176 6.52 -13.23 3.61
CA PRO A 176 6.16 -13.52 5.00
C PRO A 176 6.10 -15.03 5.27
N ARG A 177 6.72 -15.48 6.37
CA ARG A 177 6.74 -16.89 6.83
C ARG A 177 5.39 -17.25 7.45
N ARG A 178 4.71 -16.25 8.04
CA ARG A 178 3.39 -16.40 8.70
C ARG A 178 2.37 -15.46 8.03
N ALA A 179 1.17 -15.97 7.78
CA ALA A 179 0.03 -15.21 7.20
C ALA A 179 -1.23 -15.46 8.04
N LEU A 180 -2.33 -14.79 7.71
CA LEU A 180 -3.63 -14.88 8.42
C LEU A 180 -4.76 -14.53 7.44
N LEU A 181 -5.57 -15.53 7.06
CA LEU A 181 -6.80 -15.36 6.25
C LEU A 181 -7.99 -15.29 7.21
N PHE A 182 -8.80 -14.23 7.12
CA PHE A 182 -10.06 -14.05 7.90
C PHE A 182 -11.15 -13.42 7.02
N VAL A 183 -12.40 -13.73 7.33
CA VAL A 183 -13.62 -13.23 6.62
C VAL A 183 -14.58 -12.65 7.66
N ILE A 184 -15.19 -11.50 7.37
CA ILE A 184 -16.22 -10.84 8.23
C ILE A 184 -17.41 -10.45 7.33
N LEU A 185 -18.60 -10.34 7.92
CA LEU A 185 -19.88 -10.11 7.18
C LEU A 185 -20.56 -8.84 7.71
N CYS A 186 -21.24 -8.10 6.83
CA CYS A 186 -22.02 -6.87 7.14
C CYS A 186 -23.36 -6.91 6.43
N PRO A 187 -24.50 -6.77 7.15
CA PRO A 187 -25.77 -6.43 6.50
C PRO A 187 -25.67 -5.01 5.93
N VAL A 188 -26.11 -4.83 4.68
CA VAL A 188 -25.98 -3.56 3.91
C VAL A 188 -27.35 -3.17 3.32
N GLY A 189 -27.52 -1.91 2.94
CA GLY A 189 -28.74 -1.37 2.30
C GLY A 189 -28.48 -1.00 0.86
N SER A 196 -28.56 2.56 -5.96
CA SER A 196 -29.35 3.78 -5.65
C SER A 196 -30.01 4.33 -6.94
N VAL A 197 -31.20 4.93 -6.78
CA VAL A 197 -32.00 5.54 -7.88
C VAL A 197 -31.41 6.91 -8.22
N THR A 198 -30.62 7.46 -7.31
CA THR A 198 -30.01 8.83 -7.39
C THR A 198 -28.68 8.75 -8.13
N PRO A 199 -28.38 9.72 -9.02
CA PRO A 199 -27.08 9.80 -9.67
C PRO A 199 -26.01 10.42 -8.76
N VAL A 200 -24.74 10.35 -9.16
CA VAL A 200 -23.56 10.81 -8.34
C VAL A 200 -22.72 11.80 -9.14
N SER A 201 -22.11 12.77 -8.44
CA SER A 201 -21.19 13.79 -8.99
C SER A 201 -19.74 13.30 -8.83
N LEU A 202 -18.92 13.47 -9.88
CA LEU A 202 -17.51 12.99 -9.91
C LEU A 202 -16.55 14.18 -10.04
N LEU A 203 -15.41 14.12 -9.33
CA LEU A 203 -14.27 15.06 -9.48
C LEU A 203 -13.23 14.43 -10.40
N ALA A 204 -12.97 15.05 -11.55
CA ALA A 204 -11.94 14.65 -12.53
C ALA A 204 -10.72 15.57 -12.39
N ASP A 205 -9.85 15.28 -11.42
CA ASP A 205 -8.60 16.04 -11.14
C ASP A 205 -7.41 15.18 -11.55
N PRO A 206 -6.67 15.56 -12.63
CA PRO A 206 -5.56 14.73 -13.12
C PRO A 206 -4.29 14.78 -12.26
N ALA A 207 -4.26 15.67 -11.25
CA ALA A 207 -3.14 15.86 -10.30
C ALA A 207 -2.88 14.57 -9.52
N PHE A 208 -3.93 13.81 -9.22
CA PHE A 208 -3.89 12.57 -8.40
C PHE A 208 -3.92 11.34 -9.31
N ILE A 209 -3.04 10.37 -9.05
CA ILE A 209 -2.89 9.09 -9.80
C ILE A 209 -3.16 7.92 -8.85
N ARG A 210 -4.21 7.13 -9.13
CA ARG A 210 -4.60 5.95 -8.32
C ARG A 210 -3.59 4.82 -8.54
N ALA A 211 -3.32 4.46 -9.81
CA ALA A 211 -2.44 3.36 -10.22
C ALA A 211 -1.68 3.72 -11.50
N TRP A 212 -0.68 2.90 -11.86
CA TRP A 212 0.23 3.10 -13.02
C TRP A 212 0.42 1.77 -13.76
N VAL A 213 0.63 1.82 -15.08
CA VAL A 213 0.88 0.64 -15.95
C VAL A 213 2.17 -0.03 -15.47
N GLY A 214 2.11 -1.34 -15.20
CA GLY A 214 3.20 -2.10 -14.54
C GLY A 214 3.19 -1.89 -13.04
N GLY A 215 2.06 -1.41 -12.49
CA GLY A 215 1.85 -1.21 -11.05
C GLY A 215 1.10 -2.39 -10.44
N VAL A 216 0.12 -2.12 -9.58
CA VAL A 216 -0.71 -3.16 -8.90
C VAL A 216 -2.17 -2.68 -8.82
N GLY A 217 -2.59 -1.83 -9.77
CA GLY A 217 -3.96 -1.30 -9.85
C GLY A 217 -4.99 -2.37 -10.17
N ASN A 218 -4.54 -3.44 -10.86
CA ASN A 218 -5.39 -4.55 -11.36
C ASN A 218 -5.50 -5.66 -10.30
N TYR A 219 -5.05 -5.40 -9.08
CA TYR A 219 -5.20 -6.29 -7.89
C TYR A 219 -5.89 -5.50 -6.77
N LYS A 220 -6.79 -6.13 -6.02
CA LYS A 220 -7.57 -5.50 -4.91
C LYS A 220 -6.70 -5.55 -3.65
N LEU A 221 -5.63 -4.76 -3.62
CA LEU A 221 -4.67 -4.63 -2.49
C LEU A 221 -4.95 -3.32 -1.76
N GLY A 222 -4.90 -3.35 -0.41
CA GLY A 222 -5.10 -2.17 0.45
C GLY A 222 -4.24 -1.00 0.05
N GLY A 223 -3.00 -1.25 -0.41
CA GLY A 223 -2.04 -0.23 -0.89
C GLY A 223 -2.66 0.74 -1.87
N ASN A 224 -3.63 0.29 -2.67
CA ASN A 224 -4.28 1.07 -3.76
C ASN A 224 -5.25 2.11 -3.19
N TYR A 225 -5.70 1.97 -1.94
CA TYR A 225 -6.86 2.70 -1.35
C TYR A 225 -6.41 3.81 -0.41
N GLY A 226 -5.48 3.53 0.51
CA GLY A 226 -4.92 4.52 1.45
C GLY A 226 -4.80 5.91 0.82
N PRO A 227 -4.05 6.06 -0.29
CA PRO A 227 -3.89 7.36 -0.96
C PRO A 227 -5.18 8.05 -1.44
N THR A 228 -6.25 7.29 -1.70
CA THR A 228 -7.52 7.80 -2.27
C THR A 228 -8.29 8.64 -1.25
N VAL A 229 -8.08 8.41 0.05
CA VAL A 229 -8.87 9.00 1.17
C VAL A 229 -8.77 10.53 1.11
N LEU A 230 -7.57 11.07 0.86
CA LEU A 230 -7.30 12.53 0.77
C LEU A 230 -8.02 13.09 -0.46
N VAL A 231 -7.94 12.37 -1.59
CA VAL A 231 -8.51 12.76 -2.90
C VAL A 231 -10.04 12.72 -2.79
N GLN A 232 -10.57 11.76 -2.02
CA GLN A 232 -12.03 11.56 -1.81
C GLN A 232 -12.60 12.77 -1.07
N GLN A 233 -11.95 13.22 0.01
CA GLN A 233 -12.43 14.36 0.84
C GLN A 233 -12.19 15.67 0.10
N GLU A 234 -11.24 15.71 -0.83
CA GLU A 234 -10.97 16.88 -1.72
C GLU A 234 -12.13 17.04 -2.71
N ALA A 235 -12.81 15.94 -3.05
CA ALA A 235 -14.01 15.91 -3.92
C ALA A 235 -15.22 16.46 -3.15
N LEU A 236 -15.44 15.96 -1.93
CA LEU A 236 -16.56 16.36 -1.04
C LEU A 236 -16.51 17.89 -0.81
N LYS A 237 -15.31 18.46 -0.73
CA LYS A 237 -15.06 19.91 -0.45
C LYS A 237 -15.19 20.74 -1.74
N ARG A 238 -15.35 20.09 -2.90
CA ARG A 238 -15.60 20.76 -4.20
C ARG A 238 -17.01 20.43 -4.71
N GLY A 239 -17.87 19.83 -3.86
CA GLY A 239 -19.28 19.54 -4.16
C GLY A 239 -19.50 18.12 -4.66
N CYS A 240 -18.51 17.54 -5.36
CA CYS A 240 -18.56 16.19 -5.97
C CYS A 240 -18.66 15.12 -4.87
N GLU A 241 -19.21 13.96 -5.20
CA GLU A 241 -19.55 12.87 -4.24
C GLU A 241 -18.46 11.81 -4.26
N GLN A 242 -18.02 11.39 -5.45
CA GLN A 242 -16.95 10.37 -5.67
C GLN A 242 -15.88 10.96 -6.59
N VAL A 243 -14.73 10.29 -6.72
CA VAL A 243 -13.57 10.71 -7.57
C VAL A 243 -13.63 9.95 -8.90
N LEU A 244 -13.36 10.64 -10.02
CA LEU A 244 -13.03 10.03 -11.34
C LEU A 244 -11.51 10.05 -11.51
N TRP A 245 -10.90 8.87 -11.64
CA TRP A 245 -9.43 8.66 -11.70
C TRP A 245 -8.95 8.78 -13.14
N LEU A 246 -8.20 9.83 -13.45
CA LEU A 246 -7.57 10.08 -14.78
C LEU A 246 -6.14 9.56 -14.75
N TYR A 247 -5.67 9.01 -15.87
CA TYR A 247 -4.30 8.45 -16.04
C TYR A 247 -3.72 8.92 -17.39
N GLY A 248 -2.42 9.23 -17.40
CA GLY A 248 -1.65 9.57 -18.60
C GLY A 248 -1.78 11.05 -18.98
N PRO A 249 -0.95 11.54 -19.92
CA PRO A 249 -1.01 12.95 -20.35
C PRO A 249 -2.31 13.28 -21.10
N ASP A 250 -2.85 12.31 -21.83
CA ASP A 250 -4.10 12.44 -22.64
C ASP A 250 -5.34 12.30 -21.74
N HIS A 251 -5.15 12.14 -20.42
CA HIS A 251 -6.20 12.15 -19.38
C HIS A 251 -7.23 11.04 -19.67
N GLN A 252 -6.82 9.79 -19.49
CA GLN A 252 -7.67 8.58 -19.73
C GLN A 252 -8.58 8.34 -18.52
N LEU A 253 -9.87 8.16 -18.75
CA LEU A 253 -10.86 7.77 -17.71
C LEU A 253 -10.63 6.29 -17.39
N THR A 254 -10.28 5.98 -16.13
CA THR A 254 -9.91 4.62 -15.66
C THR A 254 -11.04 4.03 -14.81
N GLU A 255 -11.26 4.60 -13.62
CA GLU A 255 -12.18 4.05 -12.57
C GLU A 255 -12.93 5.20 -11.90
N VAL A 256 -14.00 4.87 -11.15
CA VAL A 256 -14.77 5.81 -10.30
C VAL A 256 -14.67 5.33 -8.85
N GLY A 257 -13.78 5.95 -8.06
CA GLY A 257 -13.53 5.60 -6.65
C GLY A 257 -13.25 4.11 -6.49
N THR A 258 -14.30 3.34 -6.19
CA THR A 258 -14.26 1.88 -5.95
C THR A 258 -15.23 1.18 -6.92
N MET A 259 -15.31 1.70 -8.15
CA MET A 259 -16.18 1.17 -9.25
C MET A 259 -15.45 1.33 -10.58
N ASN A 260 -15.70 0.42 -11.52
CA ASN A 260 -15.28 0.54 -12.95
C ASN A 260 -16.25 1.49 -13.64
N ILE A 261 -15.83 2.10 -14.76
CA ILE A 261 -16.61 3.14 -15.50
C ILE A 261 -17.07 2.55 -16.85
N PHE A 262 -18.32 2.86 -17.23
CA PHE A 262 -18.93 2.55 -18.55
C PHE A 262 -19.44 3.84 -19.18
N VAL A 263 -19.51 3.88 -20.52
CA VAL A 263 -20.06 5.02 -21.30
C VAL A 263 -20.92 4.45 -22.44
N TYR A 264 -22.24 4.66 -22.35
CA TYR A 264 -23.24 4.37 -23.41
C TYR A 264 -23.38 5.63 -24.27
N TRP A 265 -23.01 5.54 -25.56
CA TRP A 265 -22.90 6.71 -26.47
C TRP A 265 -22.83 6.27 -27.93
N THR A 266 -23.04 7.22 -28.84
CA THR A 266 -22.78 7.08 -30.30
C THR A 266 -21.34 7.56 -30.56
N HIS A 267 -20.45 6.64 -30.94
CA HIS A 267 -18.99 6.88 -31.14
C HIS A 267 -18.78 7.83 -32.32
N GLU A 268 -17.56 8.36 -32.48
CA GLU A 268 -17.16 9.31 -33.55
C GLU A 268 -17.40 8.69 -34.94
N ASP A 269 -17.33 7.37 -35.05
CA ASP A 269 -17.64 6.61 -36.31
C ASP A 269 -19.16 6.62 -36.56
N GLY A 270 -19.96 6.97 -35.55
CA GLY A 270 -21.42 7.16 -35.65
C GLY A 270 -22.20 5.88 -35.42
N VAL A 271 -21.72 5.05 -34.49
CA VAL A 271 -22.33 3.74 -34.12
C VAL A 271 -22.57 3.72 -32.61
N LEU A 272 -23.76 3.28 -32.19
CA LEU A 272 -24.16 3.16 -30.75
C LEU A 272 -23.38 2.00 -30.13
N GLU A 273 -22.56 2.27 -29.11
CA GLU A 273 -21.73 1.26 -28.41
C GLU A 273 -21.74 1.51 -26.91
N LEU A 274 -21.42 0.46 -26.14
CA LEU A 274 -21.08 0.52 -24.69
C LEU A 274 -19.58 0.26 -24.55
N VAL A 275 -18.83 1.23 -24.03
CA VAL A 275 -17.34 1.16 -23.91
C VAL A 275 -16.95 1.25 -22.44
N THR A 276 -15.92 0.50 -22.06
CA THR A 276 -15.26 0.51 -20.72
C THR A 276 -13.76 0.39 -20.93
N PRO A 277 -12.91 1.07 -20.12
CA PRO A 277 -11.47 0.94 -20.26
C PRO A 277 -11.01 -0.52 -20.16
N PRO A 278 -10.04 -0.95 -21.00
CA PRO A 278 -9.60 -2.34 -21.01
C PRO A 278 -8.67 -2.67 -19.84
N LEU A 279 -8.49 -3.97 -19.54
CA LEU A 279 -7.63 -4.46 -18.44
C LEU A 279 -6.17 -4.40 -18.89
N ASN A 280 -5.45 -3.33 -18.53
CA ASN A 280 -4.05 -3.06 -18.96
C ASN A 280 -3.17 -2.69 -17.76
N GLY A 281 -3.61 -3.00 -16.53
CA GLY A 281 -2.82 -2.83 -15.30
C GLY A 281 -3.38 -1.77 -14.37
N VAL A 282 -3.94 -0.68 -14.91
CA VAL A 282 -4.50 0.45 -14.11
C VAL A 282 -5.95 0.14 -13.71
N ILE A 283 -6.66 -0.65 -14.52
CA ILE A 283 -8.09 -1.03 -14.31
C ILE A 283 -8.14 -2.33 -13.49
N LEU A 284 -8.96 -2.34 -12.44
CA LEU A 284 -9.28 -3.55 -11.66
C LEU A 284 -10.35 -4.34 -12.39
N PRO A 285 -10.15 -5.66 -12.63
CA PRO A 285 -11.15 -6.48 -13.32
C PRO A 285 -12.34 -6.76 -12.40
N GLY A 286 -13.34 -5.86 -12.41
CA GLY A 286 -14.57 -5.97 -11.60
C GLY A 286 -15.43 -7.13 -12.02
N VAL A 287 -15.99 -7.85 -11.04
CA VAL A 287 -16.94 -8.98 -11.25
C VAL A 287 -18.17 -8.46 -11.99
N VAL A 288 -18.72 -7.33 -11.53
CA VAL A 288 -19.94 -6.68 -12.11
C VAL A 288 -19.59 -6.17 -13.52
N ARG A 289 -18.46 -5.46 -13.65
CA ARG A 289 -17.92 -4.98 -14.96
C ARG A 289 -18.02 -6.13 -15.98
N GLN A 290 -17.43 -7.28 -15.65
CA GLN A 290 -17.38 -8.49 -16.52
C GLN A 290 -18.82 -8.97 -16.78
N SER A 291 -19.67 -8.93 -15.76
CA SER A 291 -21.09 -9.38 -15.82
C SER A 291 -21.90 -8.50 -16.77
N LEU A 292 -21.65 -7.18 -16.76
CA LEU A 292 -22.35 -6.20 -17.64
C LEU A 292 -21.93 -6.41 -19.10
N LEU A 293 -20.63 -6.69 -19.35
CA LEU A 293 -20.08 -6.98 -20.69
C LEU A 293 -20.70 -8.28 -21.21
N ASP A 294 -20.65 -9.36 -20.41
CA ASP A 294 -21.20 -10.70 -20.74
C ASP A 294 -22.69 -10.56 -21.10
N MET A 295 -23.43 -9.82 -20.27
CA MET A 295 -24.90 -9.63 -20.39
C MET A 295 -25.23 -8.85 -21.67
N ALA A 296 -24.48 -7.77 -21.94
CA ALA A 296 -24.66 -6.88 -23.12
C ALA A 296 -24.24 -7.62 -24.40
N GLN A 297 -23.24 -8.49 -24.32
CA GLN A 297 -22.74 -9.31 -25.45
C GLN A 297 -23.80 -10.35 -25.85
N THR A 298 -24.44 -10.99 -24.87
CA THR A 298 -25.50 -12.02 -25.07
C THR A 298 -26.71 -11.39 -25.78
N TRP A 299 -26.98 -10.10 -25.56
CA TRP A 299 -28.08 -9.35 -26.23
C TRP A 299 -27.74 -9.18 -27.71
N GLY A 300 -26.52 -8.71 -28.02
CA GLY A 300 -26.02 -8.47 -29.37
C GLY A 300 -26.81 -7.40 -30.11
N GLU A 301 -27.45 -6.49 -29.37
CA GLU A 301 -28.36 -5.43 -29.93
C GLU A 301 -27.54 -4.20 -30.32
N PHE A 302 -26.42 -3.96 -29.63
CA PHE A 302 -25.47 -2.84 -29.88
C PHE A 302 -24.05 -3.33 -29.64
N ARG A 303 -23.05 -2.52 -30.03
CA ARG A 303 -21.61 -2.86 -29.93
C ARG A 303 -21.16 -2.75 -28.47
N VAL A 304 -20.40 -3.74 -28.00
CA VAL A 304 -19.81 -3.81 -26.64
C VAL A 304 -18.28 -4.00 -26.80
N VAL A 305 -17.50 -2.98 -26.48
CA VAL A 305 -16.01 -2.96 -26.70
C VAL A 305 -15.31 -2.56 -25.40
N GLU A 306 -14.06 -3.00 -25.25
CA GLU A 306 -13.11 -2.56 -24.21
C GLU A 306 -12.04 -1.70 -24.89
N ARG A 307 -12.22 -0.38 -24.87
CA ARG A 307 -11.29 0.61 -25.50
C ARG A 307 -11.00 1.74 -24.52
N THR A 308 -9.83 2.37 -24.67
CA THR A 308 -9.37 3.56 -23.90
C THR A 308 -10.36 4.71 -24.14
N ILE A 309 -10.78 5.38 -23.07
CA ILE A 309 -11.67 6.58 -23.10
C ILE A 309 -10.86 7.77 -22.54
N THR A 310 -10.71 8.84 -23.33
CA THR A 310 -10.01 10.09 -22.95
C THR A 310 -11.06 11.16 -22.62
N MET A 311 -10.66 12.21 -21.89
CA MET A 311 -11.53 13.38 -21.57
C MET A 311 -11.87 14.12 -22.87
N LYS A 312 -10.90 14.24 -23.79
CA LYS A 312 -11.07 14.87 -25.13
C LYS A 312 -12.27 14.22 -25.83
N GLN A 313 -12.27 12.89 -25.95
CA GLN A 313 -13.33 12.07 -26.59
C GLN A 313 -14.69 12.41 -25.96
N LEU A 314 -14.74 12.52 -24.63
CA LEU A 314 -15.98 12.76 -23.84
C LEU A 314 -16.46 14.20 -24.02
N LEU A 315 -15.56 15.17 -23.86
CA LEU A 315 -15.84 16.62 -24.03
C LEU A 315 -16.49 16.86 -25.40
N ARG A 316 -15.95 16.23 -26.45
CA ARG A 316 -16.47 16.32 -27.84
C ARG A 316 -17.83 15.61 -27.92
N ALA A 317 -17.91 14.39 -27.38
CA ALA A 317 -19.12 13.53 -27.38
C ALA A 317 -20.28 14.26 -26.67
N LEU A 318 -19.97 14.98 -25.59
CA LEU A 318 -20.94 15.84 -24.83
C LEU A 318 -21.34 17.04 -25.70
N GLU A 319 -20.35 17.70 -26.32
CA GLU A 319 -20.53 18.88 -27.21
C GLU A 319 -21.49 18.53 -28.36
N GLU A 320 -21.33 17.33 -28.93
CA GLU A 320 -22.11 16.84 -30.10
C GLU A 320 -23.36 16.08 -29.63
N GLY A 321 -23.60 16.01 -28.32
CA GLY A 321 -24.78 15.36 -27.70
C GLY A 321 -24.89 13.89 -28.09
N ARG A 322 -23.75 13.20 -28.16
CA ARG A 322 -23.66 11.77 -28.56
C ARG A 322 -23.76 10.87 -27.32
N VAL A 323 -23.45 11.41 -26.13
CA VAL A 323 -23.47 10.67 -24.84
C VAL A 323 -24.92 10.43 -24.44
N ARG A 324 -25.28 9.18 -24.15
CA ARG A 324 -26.60 8.75 -23.64
C ARG A 324 -26.54 8.62 -22.11
N GLU A 325 -25.73 7.67 -21.62
CA GLU A 325 -25.63 7.30 -20.19
C GLU A 325 -24.16 7.03 -19.83
N VAL A 326 -23.71 7.57 -18.70
CA VAL A 326 -22.40 7.25 -18.05
C VAL A 326 -22.72 6.70 -16.65
N PHE A 327 -22.10 5.57 -16.27
CA PHE A 327 -22.36 4.89 -14.97
C PHE A 327 -21.13 4.12 -14.51
N GLY A 328 -21.09 3.86 -13.19
CA GLY A 328 -20.07 3.04 -12.52
C GLY A 328 -20.66 1.72 -12.06
N SER A 329 -19.85 0.65 -12.10
CA SER A 329 -20.25 -0.72 -11.70
C SER A 329 -19.30 -1.25 -10.63
N GLY A 330 -19.85 -1.62 -9.47
CA GLY A 330 -19.13 -2.26 -8.36
C GLY A 330 -20.06 -3.15 -7.57
N THR A 331 -19.55 -3.80 -6.52
CA THR A 331 -20.36 -4.61 -5.57
C THR A 331 -21.23 -3.66 -4.73
N ALA A 332 -20.62 -2.60 -4.18
CA ALA A 332 -21.28 -1.54 -3.36
C ALA A 332 -22.43 -0.93 -4.15
N OCS A 333 -22.14 -0.50 -5.37
CA OCS A 333 -23.14 0.05 -6.28
CB OCS A 333 -22.95 1.54 -6.52
SG OCS A 333 -24.32 2.25 -7.39
C OCS A 333 -23.13 -0.74 -7.58
O OCS A 333 -22.17 -0.65 -8.35
OD1 OCS A 333 -24.21 3.76 -7.07
OD3 OCS A 333 -25.52 1.72 -6.80
N GLN A 334 -24.21 -1.49 -7.83
CA GLN A 334 -24.29 -2.41 -8.95
C GLN A 334 -24.22 -1.62 -10.26
N VAL A 335 -25.07 -0.60 -10.41
CA VAL A 335 -25.08 0.34 -11.58
C VAL A 335 -25.34 1.76 -11.06
N ALA A 336 -24.28 2.58 -10.98
CA ALA A 336 -24.28 3.95 -10.42
C ALA A 336 -24.45 4.98 -11.53
N PRO A 337 -25.60 5.69 -11.63
CA PRO A 337 -25.75 6.74 -12.63
C PRO A 337 -24.84 7.94 -12.31
N VAL A 338 -24.20 8.50 -13.33
CA VAL A 338 -23.34 9.73 -13.24
C VAL A 338 -24.04 10.85 -14.01
N HIS A 339 -24.30 11.98 -13.35
CA HIS A 339 -25.04 13.15 -13.91
C HIS A 339 -24.11 14.35 -14.09
N ARG A 340 -23.01 14.44 -13.33
CA ARG A 340 -22.10 15.62 -13.31
C ARG A 340 -20.64 15.18 -13.14
N ILE A 341 -19.73 15.83 -13.86
CA ILE A 341 -18.25 15.64 -13.77
C ILE A 341 -17.59 17.02 -13.74
N LEU A 342 -16.90 17.36 -12.63
CA LEU A 342 -16.13 18.62 -12.48
C LEU A 342 -14.69 18.37 -12.94
N TYR A 343 -14.29 19.00 -14.05
CA TYR A 343 -12.95 18.87 -14.69
C TYR A 343 -12.38 20.27 -14.96
N LYS A 344 -11.26 20.57 -14.30
CA LYS A 344 -10.50 21.85 -14.43
C LYS A 344 -11.48 23.03 -14.24
N ASP A 345 -12.16 23.04 -13.09
CA ASP A 345 -13.00 24.17 -12.61
C ASP A 345 -14.19 24.41 -13.54
N ARG A 346 -14.58 23.42 -14.35
CA ARG A 346 -15.74 23.52 -15.27
C ARG A 346 -16.64 22.28 -15.10
N ASN A 347 -17.93 22.49 -14.82
CA ASN A 347 -18.94 21.42 -14.59
C ASN A 347 -19.44 20.91 -15.94
N LEU A 348 -19.23 19.62 -16.22
CA LEU A 348 -19.78 18.89 -17.39
C LEU A 348 -21.05 18.16 -16.95
N HIS A 349 -22.20 18.53 -17.50
CA HIS A 349 -23.51 17.85 -17.26
C HIS A 349 -23.57 16.59 -18.14
N ILE A 350 -23.74 15.43 -17.50
CA ILE A 350 -23.90 14.10 -18.16
C ILE A 350 -25.40 13.80 -18.24
N PRO A 351 -25.97 13.67 -19.46
CA PRO A 351 -27.43 13.51 -19.61
C PRO A 351 -27.90 12.06 -19.44
N THR A 352 -27.49 11.41 -18.35
CA THR A 352 -27.78 9.98 -18.06
C THR A 352 -29.29 9.84 -17.76
N MET A 353 -29.82 10.66 -16.86
CA MET A 353 -31.18 10.52 -16.30
C MET A 353 -32.22 10.99 -17.33
N GLU A 354 -31.86 11.93 -18.21
CA GLU A 354 -32.72 12.41 -19.32
C GLU A 354 -32.93 11.29 -20.36
N ASN A 355 -31.99 10.36 -20.48
CA ASN A 355 -32.01 9.24 -21.45
C ASN A 355 -32.49 7.96 -20.76
N GLY A 356 -33.34 8.09 -19.73
CA GLY A 356 -34.02 6.96 -19.06
C GLY A 356 -33.74 6.94 -17.55
N PRO A 357 -32.59 6.39 -17.10
CA PRO A 357 -31.57 5.80 -17.98
C PRO A 357 -31.91 4.36 -18.42
N GLU A 358 -32.15 4.17 -19.71
CA GLU A 358 -32.66 2.89 -20.30
C GLU A 358 -31.73 1.73 -19.90
N LEU A 359 -30.50 1.75 -20.42
CA LEU A 359 -29.51 0.63 -20.28
C LEU A 359 -29.28 0.33 -18.80
N ILE A 360 -29.13 1.36 -17.96
CA ILE A 360 -28.89 1.24 -16.49
C ILE A 360 -30.08 0.48 -15.86
N LEU A 361 -31.30 0.98 -16.06
CA LEU A 361 -32.55 0.40 -15.51
C LEU A 361 -32.69 -1.06 -15.96
N ARG A 362 -32.36 -1.34 -17.22
CA ARG A 362 -32.41 -2.70 -17.82
C ARG A 362 -31.41 -3.62 -17.08
N PHE A 363 -30.15 -3.21 -17.00
CA PHE A 363 -29.05 -3.95 -16.33
C PHE A 363 -29.47 -4.31 -14.89
N GLN A 364 -29.90 -3.30 -14.13
CA GLN A 364 -30.34 -3.44 -12.71
C GLN A 364 -31.47 -4.47 -12.62
N LYS A 365 -32.50 -4.33 -13.47
CA LYS A 365 -33.70 -5.20 -13.49
C LYS A 365 -33.27 -6.66 -13.62
N GLU A 366 -32.46 -6.97 -14.62
CA GLU A 366 -32.01 -8.35 -14.95
C GLU A 366 -31.12 -8.87 -13.81
N LEU A 367 -30.20 -8.03 -13.31
CA LEU A 367 -29.29 -8.35 -12.18
C LEU A 367 -30.12 -8.66 -10.92
N LYS A 368 -31.13 -7.84 -10.64
CA LYS A 368 -32.06 -8.00 -9.48
C LYS A 368 -32.80 -9.33 -9.60
N GLU A 369 -33.27 -9.68 -10.80
CA GLU A 369 -34.00 -10.94 -11.09
C GLU A 369 -33.06 -12.14 -10.87
N ILE A 370 -31.84 -12.06 -11.39
CA ILE A 370 -30.79 -13.12 -11.27
C ILE A 370 -30.43 -13.30 -9.78
N GLN A 371 -30.14 -12.19 -9.08
CA GLN A 371 -29.52 -12.17 -7.74
C GLN A 371 -30.52 -12.64 -6.67
N TYR A 372 -31.74 -12.08 -6.68
CA TYR A 372 -32.80 -12.37 -5.67
C TYR A 372 -33.59 -13.62 -6.06
N GLY A 373 -33.09 -14.40 -7.02
CA GLY A 373 -33.55 -15.78 -7.30
C GLY A 373 -34.80 -15.84 -8.18
N ILE A 374 -35.36 -14.69 -8.56
CA ILE A 374 -36.59 -14.56 -9.40
C ILE A 374 -36.37 -15.32 -10.72
N ARG A 375 -35.15 -15.25 -11.26
CA ARG A 375 -34.72 -15.96 -12.48
C ARG A 375 -33.50 -16.84 -12.13
N ALA A 376 -33.59 -18.15 -12.34
CA ALA A 376 -32.50 -19.13 -12.12
C ALA A 376 -31.37 -18.86 -13.13
N HIS A 377 -30.12 -18.85 -12.66
CA HIS A 377 -28.91 -18.53 -13.47
CA HIS A 377 -28.92 -18.54 -13.47
C HIS A 377 -27.70 -19.28 -12.90
N GLU A 378 -26.75 -19.63 -13.78
CA GLU A 378 -25.51 -20.38 -13.43
C GLU A 378 -24.60 -19.52 -12.54
N TRP A 379 -24.77 -18.19 -12.59
CA TRP A 379 -23.96 -17.19 -11.84
C TRP A 379 -24.18 -17.33 -10.33
N MET A 380 -25.40 -17.64 -9.90
CA MET A 380 -25.78 -17.71 -8.46
C MET A 380 -25.26 -19.01 -7.84
N PHE A 381 -24.69 -18.91 -6.64
CA PHE A 381 -24.16 -20.03 -5.82
C PHE A 381 -24.98 -20.12 -4.53
N PRO A 382 -25.78 -21.19 -4.33
CA PRO A 382 -26.64 -21.30 -3.15
C PRO A 382 -25.86 -21.64 -1.87
N VAL A 383 -26.29 -21.07 -0.74
CA VAL A 383 -25.69 -21.31 0.61
C VAL A 383 -26.26 -22.62 1.18
N SER B 21 -5.02 18.87 19.83
CA SER B 21 -3.85 19.54 19.19
C SER B 21 -2.70 18.53 18.99
N SER B 22 -2.15 18.01 20.09
CA SER B 22 -1.02 17.05 20.11
C SER B 22 -0.85 16.45 21.51
N PHE B 23 -0.27 15.25 21.58
CA PHE B 23 0.14 14.59 22.85
C PHE B 23 1.42 15.27 23.35
N LYS B 24 1.62 15.29 24.67
CA LYS B 24 2.75 15.99 25.36
C LYS B 24 3.67 14.96 26.02
N ALA B 25 4.96 15.28 26.11
CA ALA B 25 6.00 14.45 26.77
C ALA B 25 5.81 14.48 28.30
N ALA B 26 5.17 15.55 28.81
CA ALA B 26 4.87 15.76 30.24
C ALA B 26 3.87 14.71 30.75
N ASP B 27 2.92 14.30 29.90
CA ASP B 27 1.79 13.39 30.26
C ASP B 27 2.22 11.93 30.08
N LEU B 28 3.48 11.69 29.70
CA LEU B 28 4.02 10.35 29.34
C LEU B 28 3.97 9.42 30.56
N GLN B 29 3.24 8.31 30.46
CA GLN B 29 3.14 7.24 31.50
C GLN B 29 4.23 6.20 31.23
N LEU B 30 4.84 5.66 32.28
CA LEU B 30 5.94 4.65 32.21
C LEU B 30 5.50 3.38 32.96
N GLU B 31 5.15 2.33 32.22
CA GLU B 31 4.91 0.96 32.74
C GLU B 31 6.13 0.10 32.40
N MET B 32 7.02 -0.12 33.37
CA MET B 32 8.24 -0.96 33.23
C MET B 32 7.84 -2.43 33.09
N THR B 33 8.67 -3.22 32.42
CA THR B 33 8.46 -4.68 32.19
C THR B 33 8.71 -5.44 33.51
N GLN B 34 8.77 -6.76 33.43
CA GLN B 34 9.19 -7.65 34.56
C GLN B 34 9.66 -8.99 33.99
N LYS B 35 10.15 -8.99 32.74
CA LYS B 35 10.72 -10.17 32.05
C LYS B 35 11.70 -9.73 30.98
N PRO B 36 12.77 -8.96 31.32
CA PRO B 36 13.78 -8.56 30.34
C PRO B 36 14.55 -9.79 29.80
N HIS B 37 14.68 -9.90 28.48
CA HIS B 37 15.14 -11.11 27.76
C HIS B 37 16.32 -10.79 26.83
N LYS B 38 17.10 -11.83 26.48
CA LYS B 38 18.13 -11.85 25.40
C LYS B 38 19.17 -10.73 25.62
N LYS B 39 19.60 -10.07 24.53
CA LYS B 39 20.85 -9.28 24.41
C LYS B 39 21.96 -10.26 24.06
N PRO B 40 22.05 -10.71 22.79
CA PRO B 40 22.98 -11.77 22.40
C PRO B 40 24.46 -11.34 22.39
N LEU B 46 22.76 -12.51 15.38
CA LEU B 46 21.68 -11.48 15.32
C LEU B 46 21.43 -11.08 13.86
N VAL B 47 20.15 -10.95 13.47
CA VAL B 47 19.69 -10.59 12.10
C VAL B 47 18.78 -9.36 12.18
N PHE B 48 18.73 -8.57 11.11
CA PHE B 48 18.05 -7.25 11.02
C PHE B 48 16.56 -7.39 11.32
N GLY B 49 16.07 -6.66 12.32
CA GLY B 49 14.64 -6.43 12.61
C GLY B 49 13.88 -7.70 12.92
N LYS B 50 14.48 -8.63 13.68
CA LYS B 50 13.82 -9.85 14.21
C LYS B 50 13.91 -9.88 15.74
N THR B 51 15.03 -9.39 16.30
CA THR B 51 15.24 -9.20 17.76
C THR B 51 14.71 -7.80 18.15
N PHE B 52 13.79 -7.74 19.12
CA PHE B 52 13.14 -6.50 19.61
C PHE B 52 13.49 -6.29 21.09
N THR B 53 13.37 -5.04 21.56
CA THR B 53 13.67 -4.62 22.96
C THR B 53 12.46 -4.91 23.85
N ASP B 54 12.55 -4.56 25.14
CA ASP B 54 11.56 -4.94 26.19
C ASP B 54 10.38 -3.96 26.19
N HIS B 55 10.55 -2.75 25.66
CA HIS B 55 9.56 -1.64 25.77
C HIS B 55 9.19 -1.09 24.39
N MET B 56 8.05 -0.42 24.32
CA MET B 56 7.48 0.22 23.09
C MET B 56 6.66 1.45 23.51
N LEU B 57 6.72 2.52 22.71
CA LEU B 57 5.86 3.73 22.86
C LEU B 57 4.49 3.41 22.25
N MET B 58 3.43 4.05 22.74
CA MET B 58 2.04 3.85 22.24
C MET B 58 1.17 5.04 22.62
N VAL B 59 0.64 5.76 21.62
CA VAL B 59 -0.33 6.88 21.77
C VAL B 59 -1.53 6.58 20.88
N GLU B 60 -2.74 6.67 21.42
CA GLU B 60 -4.02 6.45 20.70
C GLU B 60 -4.63 7.80 20.32
N TRP B 61 -5.34 7.85 19.19
CA TRP B 61 -6.12 9.02 18.70
C TRP B 61 -7.57 8.59 18.44
N ASN B 62 -8.52 9.48 18.70
CA ASN B 62 -9.98 9.23 18.49
C ASN B 62 -10.67 10.57 18.23
N ASP B 63 -12.00 10.61 18.33
CA ASP B 63 -12.85 11.83 18.17
C ASP B 63 -12.39 12.90 19.18
N LYS B 64 -12.16 12.49 20.44
CA LYS B 64 -11.79 13.39 21.56
C LYS B 64 -10.40 14.00 21.30
N GLY B 65 -9.50 13.24 20.64
CA GLY B 65 -8.16 13.70 20.24
C GLY B 65 -7.07 12.77 20.74
N TRP B 66 -5.83 13.26 20.81
CA TRP B 66 -4.64 12.50 21.26
C TRP B 66 -4.77 12.18 22.76
N GLY B 67 -4.69 10.90 23.12
CA GLY B 67 -4.61 10.43 24.52
C GLY B 67 -3.21 10.61 25.08
N GLN B 68 -3.00 10.24 26.34
CA GLN B 68 -1.67 10.29 27.01
C GLN B 68 -0.74 9.29 26.32
N PRO B 69 0.52 9.67 26.04
CA PRO B 69 1.50 8.71 25.48
C PRO B 69 1.93 7.71 26.55
N ARG B 70 2.19 6.46 26.13
CA ARG B 70 2.46 5.30 27.02
C ARG B 70 3.77 4.63 26.61
N ILE B 71 4.72 4.50 27.54
CA ILE B 71 5.87 3.55 27.43
C ILE B 71 5.46 2.27 28.16
N GLN B 72 4.99 1.28 27.41
CA GLN B 72 4.49 -0.03 27.94
C GLN B 72 5.50 -1.12 27.62
N PRO B 73 5.41 -2.31 28.26
CA PRO B 73 6.22 -3.46 27.86
C PRO B 73 5.84 -3.89 26.43
N PHE B 74 6.75 -4.64 25.77
CA PHE B 74 6.56 -5.14 24.39
C PHE B 74 5.43 -6.17 24.37
N GLN B 75 4.21 -5.70 24.12
CA GLN B 75 2.97 -6.53 24.00
C GLN B 75 2.56 -6.62 22.54
N ASN B 76 1.57 -7.47 22.23
CA ASN B 76 0.93 -7.56 20.89
C ASN B 76 -0.10 -6.44 20.75
N LEU B 77 -0.48 -6.12 19.52
CA LEU B 77 -1.53 -5.11 19.18
C LEU B 77 -2.89 -5.79 19.14
N THR B 78 -3.93 -5.13 19.67
CA THR B 78 -5.34 -5.57 19.63
C THR B 78 -6.11 -4.65 18.67
N LEU B 79 -6.30 -5.11 17.43
CA LEU B 79 -6.95 -4.34 16.34
C LEU B 79 -8.33 -4.94 16.01
N HIS B 80 -9.27 -4.08 15.62
CA HIS B 80 -10.63 -4.47 15.16
C HIS B 80 -10.50 -5.14 13.79
N PRO B 81 -11.23 -6.25 13.52
CA PRO B 81 -11.11 -6.96 12.24
C PRO B 81 -11.28 -6.06 11.00
N ALA B 82 -12.03 -4.95 11.14
CA ALA B 82 -12.28 -3.95 10.08
C ALA B 82 -11.39 -2.72 10.28
N SER B 83 -10.19 -2.89 10.88
CA SER B 83 -9.21 -1.80 11.11
C SER B 83 -8.67 -1.30 9.76
N SER B 84 -8.80 0.01 9.49
CA SER B 84 -8.44 0.68 8.22
C SER B 84 -6.98 0.34 7.83
N SER B 85 -6.13 0.10 8.82
CA SER B 85 -4.69 -0.26 8.66
C SER B 85 -4.53 -1.56 7.85
N LEU B 86 -5.45 -2.52 8.04
CA LEU B 86 -5.36 -3.90 7.49
C LEU B 86 -6.13 -4.01 6.17
N HIS B 87 -7.04 -3.07 5.89
CA HIS B 87 -7.99 -3.13 4.73
C HIS B 87 -7.52 -2.20 3.60
N TYR B 88 -7.32 -0.92 3.89
CA TYR B 88 -7.06 0.15 2.89
C TYR B 88 -5.67 0.76 3.09
N SER B 89 -4.75 -0.02 3.69
CA SER B 89 -3.31 0.33 3.88
C SER B 89 -3.16 1.77 4.37
N LEU B 90 -3.99 2.19 5.33
CA LEU B 90 -3.83 3.48 6.04
C LEU B 90 -2.74 3.29 7.10
N GLN B 91 -1.49 3.21 6.64
CA GLN B 91 -0.29 2.88 7.45
C GLN B 91 0.93 3.61 6.87
N LEU B 92 1.79 4.13 7.74
CA LEU B 92 3.09 4.75 7.39
C LEU B 92 4.07 4.46 8.52
N PHE B 93 5.37 4.45 8.20
CA PHE B 93 6.46 4.15 9.16
C PHE B 93 7.66 5.07 8.88
N GLU B 94 8.69 4.96 9.72
CA GLU B 94 9.98 5.69 9.56
C GLU B 94 11.11 4.78 10.05
N GLY B 95 12.34 5.07 9.61
CA GLY B 95 13.56 4.32 9.96
C GLY B 95 14.72 5.25 10.27
N MET B 96 15.17 5.26 11.53
CA MET B 96 16.34 6.04 12.00
C MET B 96 17.12 5.21 13.02
N LYS B 97 18.44 5.42 13.09
CA LYS B 97 19.38 4.63 13.94
C LYS B 97 19.86 5.48 15.12
N ALA B 98 20.01 4.84 16.29
CA ALA B 98 20.61 5.42 17.51
C ALA B 98 21.98 4.75 17.75
N PHE B 99 23.05 5.54 17.80
CA PHE B 99 24.46 5.07 17.85
C PHE B 99 25.05 5.34 19.24
N LYS B 100 25.41 4.27 19.96
CA LYS B 100 26.14 4.32 21.25
C LYS B 100 27.63 4.55 20.95
N GLY B 101 28.17 5.70 21.37
CA GLY B 101 29.57 6.09 21.12
C GLY B 101 30.53 5.38 22.05
N LYS B 102 31.81 5.79 22.04
CA LYS B 102 32.88 5.20 22.88
C LYS B 102 32.65 5.58 24.34
N ASP B 103 32.22 6.82 24.58
CA ASP B 103 31.82 7.35 25.92
C ASP B 103 30.53 6.67 26.39
N GLN B 104 29.91 5.85 25.52
CA GLN B 104 28.70 5.04 25.80
C GLN B 104 27.47 5.94 25.93
N GLN B 105 27.51 7.14 25.33
CA GLN B 105 26.37 8.08 25.19
C GLN B 105 25.69 7.79 23.85
N VAL B 106 24.37 7.56 23.87
CA VAL B 106 23.54 7.26 22.66
C VAL B 106 23.14 8.57 22.00
N ARG B 107 23.18 8.63 20.67
CA ARG B 107 22.79 9.81 19.85
C ARG B 107 21.98 9.34 18.63
N LEU B 108 20.92 10.06 18.28
CA LEU B 108 20.09 9.83 17.07
C LEU B 108 20.66 10.67 15.91
N PHE B 109 20.72 10.10 14.71
CA PHE B 109 21.24 10.75 13.49
C PHE B 109 20.12 11.54 12.79
N ARG B 110 20.20 12.87 12.85
CA ARG B 110 19.25 13.82 12.19
C ARG B 110 17.82 13.34 12.34
N PRO B 111 17.34 13.12 13.59
CA PRO B 111 15.99 12.58 13.82
C PRO B 111 14.88 13.52 13.33
N TRP B 112 15.17 14.82 13.27
CA TRP B 112 14.20 15.90 12.92
C TRP B 112 13.65 15.67 11.50
N LEU B 113 14.51 15.25 10.57
CA LEU B 113 14.16 15.01 9.15
C LEU B 113 13.23 13.80 9.04
N ASN B 114 13.45 12.78 9.88
CA ASN B 114 12.60 11.57 9.99
C ASN B 114 11.21 11.97 10.54
N MET B 115 11.18 12.93 11.47
CA MET B 115 9.93 13.48 12.07
C MET B 115 9.19 14.35 11.04
N ASP B 116 9.94 15.09 10.20
CA ASP B 116 9.38 15.94 9.13
C ASP B 116 8.68 15.06 8.09
N ARG B 117 9.37 14.01 7.61
CA ARG B 117 8.89 13.07 6.57
C ARG B 117 7.68 12.27 7.09
N MET B 118 7.66 11.98 8.39
CA MET B 118 6.57 11.19 9.05
C MET B 118 5.27 12.01 9.04
N LEU B 119 5.35 13.31 9.35
CA LEU B 119 4.18 14.22 9.39
C LEU B 119 3.63 14.43 7.97
N ARG B 120 4.52 14.57 6.97
CA ARG B 120 4.17 14.74 5.54
C ARG B 120 3.44 13.48 5.05
N SER B 121 3.86 12.30 5.54
CA SER B 121 3.24 10.99 5.26
C SER B 121 1.82 10.95 5.86
N ALA B 122 1.70 11.37 7.12
CA ALA B 122 0.44 11.36 7.92
C ALA B 122 -0.63 12.22 7.23
N MET B 123 -0.25 13.43 6.79
CA MET B 123 -1.17 14.37 6.10
C MET B 123 -1.65 13.77 4.77
N ARG B 124 -0.83 12.94 4.13
CA ARG B 124 -1.12 12.32 2.81
C ARG B 124 -2.20 11.23 2.98
N LEU B 125 -2.21 10.53 4.11
CA LEU B 125 -3.15 9.41 4.40
C LEU B 125 -4.26 9.84 5.37
N OCS B 126 -4.38 11.16 5.60
CA OCS B 126 -5.44 11.72 6.41
CB OCS B 126 -6.84 11.49 5.81
SG OCS B 126 -7.01 12.28 4.25
C OCS B 126 -5.38 11.20 7.84
O OCS B 126 -6.41 10.99 8.48
OD1 OCS B 126 -7.64 13.65 4.67
OD3 OCS B 126 -5.68 12.49 3.75
N LEU B 127 -4.15 10.99 8.34
CA LEU B 127 -3.93 10.54 9.70
C LEU B 127 -3.60 11.76 10.55
N PRO B 128 -3.83 11.71 11.89
CA PRO B 128 -3.71 12.90 12.75
C PRO B 128 -2.29 13.48 12.81
N SER B 129 -2.18 14.80 12.63
CA SER B 129 -0.92 15.58 12.79
C SER B 129 -0.59 15.68 14.27
N PHE B 130 0.70 15.78 14.60
CA PHE B 130 1.24 15.84 15.99
C PHE B 130 2.45 16.78 16.02
N ASP B 131 2.91 17.14 17.22
CA ASP B 131 4.14 17.96 17.44
C ASP B 131 5.36 17.07 17.25
N LYS B 132 6.23 17.43 16.29
CA LYS B 132 7.44 16.65 15.90
C LYS B 132 8.38 16.52 17.10
N LEU B 133 8.59 17.63 17.82
CA LEU B 133 9.54 17.75 18.95
C LEU B 133 9.04 16.92 20.14
N GLU B 134 7.71 16.79 20.30
CA GLU B 134 7.08 16.02 21.40
C GLU B 134 7.30 14.52 21.16
N LEU B 135 7.04 14.03 19.95
CA LEU B 135 7.24 12.60 19.57
C LEU B 135 8.73 12.24 19.73
N LEU B 136 9.63 13.12 19.28
CA LEU B 136 11.10 12.95 19.39
C LEU B 136 11.47 12.74 20.86
N GLU B 137 10.92 13.55 21.76
CA GLU B 137 11.18 13.50 23.23
C GLU B 137 10.68 12.17 23.78
N CYS B 138 9.52 11.70 23.33
CA CYS B 138 8.92 10.39 23.71
C CYS B 138 9.83 9.25 23.24
N ILE B 139 10.32 9.34 22.00
CA ILE B 139 11.28 8.36 21.39
C ILE B 139 12.61 8.41 22.16
N ARG B 140 13.03 9.62 22.56
CA ARG B 140 14.27 9.82 23.38
C ARG B 140 14.12 9.09 24.70
N ARG B 141 12.99 9.29 25.40
CA ARG B 141 12.70 8.68 26.72
C ARG B 141 12.62 7.15 26.57
N LEU B 142 12.04 6.66 25.47
CA LEU B 142 11.88 5.22 25.20
C LEU B 142 13.26 4.56 25.07
N ILE B 143 14.19 5.21 24.35
CA ILE B 143 15.58 4.72 24.14
C ILE B 143 16.35 4.84 25.46
N GLU B 144 16.05 5.87 26.26
CA GLU B 144 16.64 6.09 27.62
C GLU B 144 16.32 4.88 28.50
N VAL B 145 15.09 4.37 28.44
CA VAL B 145 14.61 3.21 29.23
C VAL B 145 15.35 1.94 28.78
N ASP B 146 15.43 1.72 27.46
CA ASP B 146 16.10 0.53 26.85
C ASP B 146 17.53 0.92 26.44
N LYS B 147 18.23 1.69 27.29
CA LYS B 147 19.60 2.22 27.03
C LYS B 147 20.58 1.06 26.87
N ASP B 148 20.38 -0.03 27.62
CA ASP B 148 21.28 -1.22 27.67
C ASP B 148 21.15 -2.04 26.38
N TRP B 149 20.03 -1.92 25.67
CA TRP B 149 19.74 -2.67 24.41
C TRP B 149 20.62 -2.17 23.26
N VAL B 150 21.10 -0.92 23.34
CA VAL B 150 21.93 -0.26 22.29
C VAL B 150 23.32 -0.88 22.31
N PRO B 151 23.77 -1.51 21.20
CA PRO B 151 25.12 -2.08 21.15
C PRO B 151 26.18 -1.00 20.84
N ASP B 152 27.41 -1.21 21.32
CA ASP B 152 28.57 -0.29 21.14
C ASP B 152 29.65 -0.98 20.30
N ALA B 153 29.31 -2.09 19.63
CA ALA B 153 30.23 -2.85 18.75
C ALA B 153 30.43 -2.08 17.44
N ALA B 154 31.46 -2.45 16.67
CA ALA B 154 31.86 -1.79 15.41
C ALA B 154 30.76 -1.99 14.36
N GLY B 155 30.21 -0.88 13.83
CA GLY B 155 29.22 -0.87 12.74
C GLY B 155 27.85 -1.37 13.20
N THR B 156 27.56 -1.31 14.50
CA THR B 156 26.26 -1.74 15.10
C THR B 156 25.55 -0.51 15.67
N SER B 157 24.21 -0.58 15.75
CA SER B 157 23.32 0.50 16.23
C SER B 157 22.01 -0.09 16.76
N LEU B 158 21.10 0.77 17.23
CA LEU B 158 19.69 0.44 17.54
C LEU B 158 18.79 1.05 16.46
N TYR B 159 18.04 0.23 15.73
CA TYR B 159 17.08 0.66 14.69
C TYR B 159 15.76 1.09 15.37
N VAL B 160 15.33 2.32 15.11
CA VAL B 160 14.05 2.89 15.64
C VAL B 160 13.01 2.81 14.53
N ARG B 161 11.81 2.30 14.84
CA ARG B 161 10.71 2.07 13.87
C ARG B 161 9.43 2.71 14.42
N PRO B 162 9.25 4.04 14.28
CA PRO B 162 7.98 4.70 14.56
C PRO B 162 6.95 4.35 13.48
N VAL B 163 5.71 4.08 13.90
CA VAL B 163 4.58 3.67 13.00
C VAL B 163 3.35 4.49 13.39
N LEU B 164 2.56 4.91 12.39
CA LEU B 164 1.23 5.52 12.56
C LEU B 164 0.24 4.82 11.62
N ILE B 165 -0.87 4.30 12.16
CA ILE B 165 -1.90 3.52 11.42
C ILE B 165 -3.30 4.01 11.77
N GLY B 166 -4.23 3.91 10.82
CA GLY B 166 -5.68 4.11 11.03
C GLY B 166 -6.29 2.90 11.70
N ASN B 167 -7.27 3.10 12.58
CA ASN B 167 -7.83 2.03 13.44
C ASN B 167 -9.33 2.26 13.67
N GLU B 168 -10.04 2.79 12.68
CA GLU B 168 -11.52 2.98 12.73
C GLU B 168 -12.18 1.63 12.43
N PRO B 169 -13.08 1.13 13.31
CA PRO B 169 -13.78 -0.13 13.07
C PRO B 169 -14.88 0.05 12.01
N SER B 170 -14.48 0.17 10.74
CA SER B 170 -15.35 0.51 9.59
C SER B 170 -14.70 0.08 8.27
N LEU B 171 -15.50 -0.41 7.32
CA LEU B 171 -15.06 -0.80 5.95
C LEU B 171 -15.25 0.36 4.98
N GLY B 172 -15.72 1.52 5.47
CA GLY B 172 -15.81 2.76 4.67
C GLY B 172 -14.42 3.30 4.37
N VAL B 173 -14.12 3.56 3.10
CA VAL B 173 -12.84 4.19 2.64
C VAL B 173 -12.96 5.69 2.89
N SER B 174 -12.69 6.12 4.12
CA SER B 174 -12.84 7.52 4.60
C SER B 174 -11.68 7.87 5.55
N GLN B 175 -11.57 9.14 5.95
CA GLN B 175 -10.62 9.63 6.98
C GLN B 175 -10.88 8.86 8.27
N PRO B 176 -9.89 8.15 8.85
CA PRO B 176 -10.11 7.36 10.06
C PRO B 176 -10.39 8.25 11.27
N ARG B 177 -11.44 7.92 12.03
CA ARG B 177 -11.84 8.62 13.28
C ARG B 177 -10.89 8.24 14.41
N ARG B 178 -10.33 7.02 14.36
CA ARG B 178 -9.40 6.44 15.37
C ARG B 178 -8.09 6.08 14.69
N ALA B 179 -6.95 6.42 15.32
CA ALA B 179 -5.58 6.09 14.87
C ALA B 179 -4.80 5.49 16.03
N LEU B 180 -3.55 5.07 15.77
CA LEU B 180 -2.64 4.46 16.76
C LEU B 180 -1.19 4.70 16.33
N LEU B 181 -0.47 5.54 17.07
CA LEU B 181 0.99 5.77 16.90
C LEU B 181 1.74 4.88 17.90
N PHE B 182 2.68 4.06 17.42
CA PHE B 182 3.55 3.20 18.25
C PHE B 182 4.97 3.17 17.66
N VAL B 183 5.96 2.99 18.54
CA VAL B 183 7.41 2.90 18.21
C VAL B 183 7.97 1.62 18.83
N ILE B 184 8.79 0.89 18.07
CA ILE B 184 9.50 -0.34 18.53
C ILE B 184 10.97 -0.22 18.12
N LEU B 185 11.86 -0.91 18.86
CA LEU B 185 13.34 -0.80 18.71
C LEU B 185 13.93 -2.17 18.43
N CYS B 186 14.99 -2.22 17.61
CA CYS B 186 15.75 -3.45 17.25
C CYS B 186 17.24 -3.17 17.33
N PRO B 187 18.01 -3.96 18.13
CA PRO B 187 19.46 -3.99 17.97
C PRO B 187 19.80 -4.61 16.60
N VAL B 188 20.71 -3.97 15.85
CA VAL B 188 21.08 -4.34 14.45
C VAL B 188 22.60 -4.48 14.36
N GLY B 189 23.08 -5.21 13.35
CA GLY B 189 24.52 -5.53 13.16
C GLY B 189 25.14 -4.79 11.99
N ALA B 190 26.46 -4.90 11.84
CA ALA B 190 27.22 -4.36 10.70
C ALA B 190 26.62 -4.93 9.41
N TYR B 191 26.13 -4.07 8.52
CA TYR B 191 25.70 -4.43 7.15
C TYR B 191 26.91 -4.98 6.39
N PHE B 192 28.11 -4.53 6.77
CA PHE B 192 29.42 -4.96 6.26
C PHE B 192 30.35 -5.30 7.43
N PRO B 193 30.55 -6.59 7.77
CA PRO B 193 31.50 -6.97 8.82
C PRO B 193 32.95 -6.55 8.53
N GLY B 194 33.66 -6.07 9.55
CA GLY B 194 35.12 -5.81 9.53
C GLY B 194 35.46 -4.39 9.10
N GLY B 195 34.45 -3.57 8.74
CA GLY B 195 34.65 -2.20 8.19
C GLY B 195 34.73 -2.24 6.67
N SER B 196 35.40 -3.24 6.11
CA SER B 196 35.44 -3.55 4.65
C SER B 196 34.02 -3.88 4.17
N VAL B 197 33.69 -3.44 2.95
CA VAL B 197 32.30 -3.42 2.41
C VAL B 197 32.21 -4.34 1.18
N THR B 198 31.19 -5.21 1.13
CA THR B 198 30.84 -6.04 -0.07
C THR B 198 29.92 -5.23 -0.98
N PRO B 199 30.13 -5.26 -2.32
CA PRO B 199 29.21 -4.61 -3.25
C PRO B 199 27.97 -5.48 -3.53
N VAL B 200 26.97 -4.92 -4.22
CA VAL B 200 25.69 -5.62 -4.54
C VAL B 200 25.44 -5.60 -6.05
N SER B 201 24.79 -6.64 -6.56
CA SER B 201 24.31 -6.79 -7.96
C SER B 201 22.86 -6.29 -8.05
N LEU B 202 22.53 -5.52 -9.08
CA LEU B 202 21.19 -4.90 -9.27
C LEU B 202 20.54 -5.46 -10.55
N LEU B 203 19.23 -5.69 -10.51
CA LEU B 203 18.39 -6.03 -11.69
C LEU B 203 17.70 -4.75 -12.18
N ALA B 204 18.01 -4.34 -13.41
CA ALA B 204 17.40 -3.17 -14.10
C ALA B 204 16.39 -3.68 -15.14
N ASP B 205 15.19 -4.03 -14.67
CA ASP B 205 14.06 -4.49 -15.52
C ASP B 205 13.00 -3.39 -15.54
N PRO B 206 12.77 -2.73 -16.71
CA PRO B 206 11.84 -1.60 -16.80
C PRO B 206 10.36 -2.01 -16.76
N ALA B 207 10.07 -3.31 -16.82
CA ALA B 207 8.71 -3.90 -16.77
C ALA B 207 8.03 -3.56 -15.44
N PHE B 208 8.80 -3.47 -14.36
CA PHE B 208 8.30 -3.19 -12.97
C PHE B 208 8.51 -1.71 -12.63
N ILE B 209 7.46 -1.07 -12.09
CA ILE B 209 7.41 0.38 -11.73
C ILE B 209 7.10 0.49 -10.23
N ARG B 210 8.01 1.06 -9.44
CA ARG B 210 7.86 1.23 -7.97
C ARG B 210 6.84 2.34 -7.68
N ALA B 211 7.02 3.50 -8.30
CA ALA B 211 6.16 4.70 -8.11
C ALA B 211 6.01 5.45 -9.43
N TRP B 212 5.07 6.40 -9.47
CA TRP B 212 4.67 7.19 -10.66
C TRP B 212 4.55 8.67 -10.25
N VAL B 213 4.82 9.58 -11.18
CA VAL B 213 4.69 11.05 -10.97
C VAL B 213 3.23 11.36 -10.64
N GLY B 214 2.98 12.08 -9.55
CA GLY B 214 1.65 12.31 -8.99
C GLY B 214 1.16 11.12 -8.18
N GLY B 215 2.10 10.24 -7.76
CA GLY B 215 1.82 9.05 -6.94
C GLY B 215 2.04 9.33 -5.46
N VAL B 216 2.66 8.37 -4.74
CA VAL B 216 3.01 8.50 -3.29
C VAL B 216 4.39 7.87 -3.05
N GLY B 217 5.26 7.87 -4.06
CA GLY B 217 6.62 7.31 -3.98
C GLY B 217 7.51 8.12 -3.05
N ASN B 218 7.21 9.41 -2.89
CA ASN B 218 8.00 10.39 -2.11
C ASN B 218 7.53 10.42 -0.65
N TYR B 219 6.69 9.45 -0.23
CA TYR B 219 6.26 9.24 1.17
C TYR B 219 6.58 7.79 1.57
N LYS B 220 7.02 7.59 2.82
CA LYS B 220 7.41 6.27 3.36
C LYS B 220 6.14 5.56 3.88
N LEU B 221 5.27 5.15 2.95
CA LEU B 221 3.99 4.43 3.21
C LEU B 221 4.19 2.95 2.87
N GLY B 222 3.64 2.04 3.69
CA GLY B 222 3.72 0.58 3.52
C GLY B 222 3.28 0.15 2.12
N GLY B 223 2.25 0.81 1.58
CA GLY B 223 1.69 0.57 0.24
C GLY B 223 2.76 0.51 -0.84
N ASN B 224 3.85 1.24 -0.68
CA ASN B 224 4.96 1.37 -1.67
C ASN B 224 5.82 0.11 -1.73
N TYR B 225 5.78 -0.75 -0.71
CA TYR B 225 6.78 -1.83 -0.48
C TYR B 225 6.22 -3.20 -0.84
N GLY B 226 4.99 -3.52 -0.39
CA GLY B 226 4.31 -4.79 -0.68
C GLY B 226 4.61 -5.29 -2.10
N PRO B 227 4.31 -4.50 -3.15
CA PRO B 227 4.56 -4.90 -4.53
C PRO B 227 6.01 -5.23 -4.89
N THR B 228 6.99 -4.68 -4.17
CA THR B 228 8.45 -4.82 -4.47
C THR B 228 8.93 -6.24 -4.17
N VAL B 229 8.27 -6.95 -3.26
CA VAL B 229 8.70 -8.29 -2.72
C VAL B 229 8.79 -9.29 -3.88
N LEU B 230 7.83 -9.29 -4.81
CA LEU B 230 7.82 -10.20 -5.99
C LEU B 230 8.96 -9.82 -6.94
N VAL B 231 9.20 -8.52 -7.14
CA VAL B 231 10.27 -7.99 -8.03
C VAL B 231 11.63 -8.32 -7.40
N GLN B 232 11.72 -8.29 -6.08
CA GLN B 232 12.97 -8.58 -5.31
C GLN B 232 13.37 -10.04 -5.52
N GLN B 233 12.43 -10.98 -5.41
CA GLN B 233 12.68 -12.44 -5.57
C GLN B 233 12.92 -12.78 -7.05
N GLU B 234 12.40 -11.97 -7.97
CA GLU B 234 12.63 -12.09 -9.43
C GLU B 234 14.09 -11.73 -9.74
N ALA B 235 14.70 -10.87 -8.92
CA ALA B 235 16.13 -10.46 -9.02
C ALA B 235 17.01 -11.60 -8.50
N LEU B 236 16.70 -12.14 -7.31
CA LEU B 236 17.44 -13.25 -6.65
C LEU B 236 17.54 -14.45 -7.61
N LYS B 237 16.48 -14.70 -8.40
CA LYS B 237 16.39 -15.88 -9.30
C LYS B 237 17.05 -15.57 -10.65
N ARG B 238 17.53 -14.33 -10.86
CA ARG B 238 18.33 -13.94 -12.05
C ARG B 238 19.77 -13.58 -11.64
N GLY B 239 20.16 -13.92 -10.40
CA GLY B 239 21.54 -13.76 -9.90
C GLY B 239 21.74 -12.48 -9.11
N CYS B 240 21.00 -11.41 -9.45
CA CYS B 240 21.10 -10.06 -8.82
C CYS B 240 20.63 -10.14 -7.36
N GLU B 241 21.11 -9.21 -6.53
CA GLU B 241 20.90 -9.20 -5.05
C GLU B 241 19.75 -8.26 -4.70
N GLN B 242 19.74 -7.05 -5.28
CA GLN B 242 18.70 -6.00 -5.07
C GLN B 242 18.16 -5.55 -6.43
N VAL B 243 17.09 -4.75 -6.44
CA VAL B 243 16.41 -4.23 -7.67
C VAL B 243 16.87 -2.79 -7.92
N LEU B 244 17.13 -2.44 -9.19
CA LEU B 244 17.26 -1.04 -9.66
C LEU B 244 15.94 -0.64 -10.33
N TRP B 245 15.27 0.38 -9.79
CA TRP B 245 13.92 0.82 -10.23
C TRP B 245 14.07 1.87 -11.35
N LEU B 246 13.68 1.49 -12.57
CA LEU B 246 13.67 2.38 -13.76
C LEU B 246 12.27 2.99 -13.92
N TYR B 247 12.21 4.25 -14.37
CA TYR B 247 10.95 5.01 -14.58
C TYR B 247 11.01 5.75 -15.93
N GLY B 248 9.88 5.78 -16.64
CA GLY B 248 9.72 6.55 -17.90
C GLY B 248 10.20 5.77 -19.11
N PRO B 249 9.91 6.25 -20.34
CA PRO B 249 10.35 5.59 -21.57
C PRO B 249 11.88 5.64 -21.77
N ASP B 250 12.50 6.73 -21.30
CA ASP B 250 13.96 6.99 -21.40
C ASP B 250 14.70 6.21 -20.29
N HIS B 251 13.99 5.42 -19.49
CA HIS B 251 14.55 4.48 -18.48
C HIS B 251 15.42 5.25 -17.47
N GLN B 252 14.79 6.06 -16.62
CA GLN B 252 15.46 6.90 -15.59
C GLN B 252 15.79 6.04 -14.37
N LEU B 253 17.03 6.08 -13.90
CA LEU B 253 17.46 5.42 -12.63
C LEU B 253 16.89 6.25 -11.47
N THR B 254 16.03 5.64 -10.64
CA THR B 254 15.28 6.33 -9.55
C THR B 254 15.87 5.93 -8.18
N GLU B 255 15.71 4.65 -7.80
CA GLU B 255 16.04 4.11 -6.46
C GLU B 255 16.66 2.72 -6.60
N VAL B 256 17.30 2.23 -5.53
CA VAL B 256 17.81 0.84 -5.38
C VAL B 256 17.08 0.17 -4.21
N GLY B 257 16.08 -0.66 -4.50
CA GLY B 257 15.27 -1.36 -3.49
C GLY B 257 14.69 -0.40 -2.45
N THR B 258 15.39 -0.24 -1.33
CA THR B 258 14.99 0.64 -0.19
C THR B 258 16.10 1.65 0.07
N MET B 259 16.75 2.13 -0.99
CA MET B 259 17.88 3.10 -0.94
C MET B 259 17.79 4.05 -2.14
N ASN B 260 18.23 5.30 -1.96
CA ASN B 260 18.42 6.29 -3.05
C ASN B 260 19.72 5.95 -3.78
N ILE B 261 19.87 6.38 -5.03
CA ILE B 261 21.02 6.04 -5.92
C ILE B 261 21.89 7.28 -6.14
N PHE B 262 23.21 7.11 -6.14
CA PHE B 262 24.23 8.14 -6.47
C PHE B 262 25.13 7.59 -7.59
N VAL B 263 25.72 8.49 -8.39
CA VAL B 263 26.71 8.16 -9.45
C VAL B 263 27.86 9.18 -9.39
N TYR B 264 29.05 8.72 -8.99
CA TYR B 264 30.33 9.47 -9.03
C TYR B 264 30.99 9.19 -10.39
N TRP B 265 31.16 10.22 -11.22
CA TRP B 265 31.59 10.07 -12.63
C TRP B 265 32.06 11.42 -13.21
N THR B 266 32.76 11.36 -14.34
CA THR B 266 33.07 12.54 -15.21
C THR B 266 31.93 12.68 -16.23
N HIS B 267 31.16 13.77 -16.14
CA HIS B 267 29.95 14.03 -16.96
C HIS B 267 30.35 14.25 -18.42
N GLU B 268 29.39 14.23 -19.34
CA GLU B 268 29.57 14.41 -20.81
C GLU B 268 30.25 15.76 -21.11
N ASP B 269 30.06 16.76 -20.25
CA ASP B 269 30.73 18.09 -20.35
C ASP B 269 32.21 17.96 -19.96
N GLY B 270 32.59 16.84 -19.31
CA GLY B 270 33.98 16.48 -19.00
C GLY B 270 34.44 17.03 -17.67
N VAL B 271 33.54 17.07 -16.66
CA VAL B 271 33.84 17.55 -15.29
C VAL B 271 33.40 16.49 -14.28
N LEU B 272 34.21 16.24 -13.26
CA LEU B 272 33.94 15.26 -12.16
C LEU B 272 32.81 15.78 -11.28
N GLU B 273 31.70 15.04 -11.19
CA GLU B 273 30.52 15.42 -10.38
C GLU B 273 29.96 14.19 -9.65
N LEU B 274 29.20 14.44 -8.58
CA LEU B 274 28.32 13.45 -7.88
C LEU B 274 26.87 13.82 -8.16
N VAL B 275 26.12 12.92 -8.82
CA VAL B 275 24.72 13.17 -9.27
C VAL B 275 23.80 12.15 -8.60
N THR B 276 22.58 12.59 -8.23
CA THR B 276 21.47 11.75 -7.70
C THR B 276 20.16 12.26 -8.29
N PRO B 277 19.18 11.38 -8.60
CA PRO B 277 17.89 11.83 -9.14
C PRO B 277 17.23 12.85 -8.21
N PRO B 278 16.61 13.92 -8.76
CA PRO B 278 15.99 14.97 -7.94
C PRO B 278 14.62 14.53 -7.38
N LEU B 279 14.15 15.23 -6.34
CA LEU B 279 12.88 14.94 -5.64
C LEU B 279 11.71 15.47 -6.48
N ASN B 280 11.08 14.60 -7.28
CA ASN B 280 9.98 14.97 -8.22
C ASN B 280 8.80 14.01 -8.08
N GLY B 281 8.70 13.25 -6.97
CA GLY B 281 7.52 12.44 -6.62
C GLY B 281 7.81 10.94 -6.62
N VAL B 282 8.66 10.49 -7.55
CA VAL B 282 9.05 9.05 -7.69
C VAL B 282 10.19 8.72 -6.71
N ILE B 283 11.01 9.72 -6.38
CA ILE B 283 12.17 9.59 -5.44
C ILE B 283 11.68 9.89 -4.01
N LEU B 284 12.01 9.02 -3.07
CA LEU B 284 11.82 9.26 -1.61
C LEU B 284 12.97 10.14 -1.10
N PRO B 285 12.67 11.26 -0.40
CA PRO B 285 13.71 12.13 0.14
C PRO B 285 14.42 11.48 1.33
N GLY B 286 15.49 10.72 1.06
CA GLY B 286 16.29 10.01 2.07
C GLY B 286 17.05 10.98 2.96
N VAL B 287 17.07 10.72 4.26
CA VAL B 287 17.85 11.49 5.29
C VAL B 287 19.34 11.41 4.93
N VAL B 288 19.83 10.19 4.64
CA VAL B 288 21.25 9.91 4.30
C VAL B 288 21.56 10.57 2.95
N ARG B 289 20.70 10.38 1.94
CA ARG B 289 20.80 11.04 0.62
C ARG B 289 21.12 12.53 0.83
N GLN B 290 20.29 13.21 1.61
CA GLN B 290 20.42 14.67 1.89
C GLN B 290 21.76 14.92 2.61
N SER B 291 22.14 14.03 3.52
CA SER B 291 23.37 14.13 4.35
C SER B 291 24.62 13.99 3.46
N LEU B 292 24.57 13.12 2.44
CA LEU B 292 25.71 12.91 1.50
C LEU B 292 25.89 14.14 0.61
N LEU B 293 24.78 14.74 0.15
CA LEU B 293 24.77 15.99 -0.65
C LEU B 293 25.35 17.14 0.18
N ASP B 294 24.82 17.34 1.40
CA ASP B 294 25.25 18.41 2.34
C ASP B 294 26.76 18.27 2.61
N MET B 295 27.21 17.04 2.88
CA MET B 295 28.62 16.70 3.23
C MET B 295 29.54 16.98 2.04
N ALA B 296 29.13 16.57 0.84
CA ALA B 296 29.90 16.74 -0.42
C ALA B 296 29.93 18.22 -0.82
N GLN B 297 28.86 18.96 -0.53
CA GLN B 297 28.73 20.42 -0.84
C GLN B 297 29.71 21.19 0.05
N THR B 298 29.80 20.84 1.34
CA THR B 298 30.69 21.49 2.34
C THR B 298 32.16 21.31 1.93
N TRP B 299 32.51 20.21 1.26
CA TRP B 299 33.87 19.94 0.74
C TRP B 299 34.19 20.91 -0.39
N GLY B 300 33.28 21.04 -1.37
CA GLY B 300 33.42 21.93 -2.54
C GLY B 300 34.58 21.53 -3.44
N GLU B 301 35.00 20.26 -3.38
CA GLU B 301 36.17 19.73 -4.13
C GLU B 301 35.73 19.28 -5.52
N PHE B 302 34.47 18.86 -5.67
CA PHE B 302 33.85 18.46 -6.96
C PHE B 302 32.39 18.94 -6.99
N ARG B 303 31.77 18.87 -8.17
CA ARG B 303 30.38 19.32 -8.41
C ARG B 303 29.39 18.32 -7.80
N VAL B 304 28.38 18.84 -7.09
CA VAL B 304 27.29 18.04 -6.45
C VAL B 304 25.95 18.57 -6.96
N VAL B 305 25.25 17.78 -7.80
CA VAL B 305 23.98 18.21 -8.47
C VAL B 305 22.89 17.15 -8.25
N GLU B 306 21.63 17.58 -8.31
CA GLU B 306 20.43 16.70 -8.37
C GLU B 306 19.85 16.81 -9.78
N ARG B 307 20.21 15.86 -10.66
CA ARG B 307 19.76 15.81 -12.07
C ARG B 307 19.28 14.39 -12.41
N THR B 308 18.37 14.28 -13.38
CA THR B 308 17.86 12.99 -13.93
C THR B 308 19.01 12.19 -14.53
N ILE B 309 19.09 10.90 -14.19
CA ILE B 309 20.09 9.92 -14.72
C ILE B 309 19.32 8.86 -15.53
N THR B 310 19.65 8.72 -16.81
CA THR B 310 19.07 7.72 -17.74
C THR B 310 20.06 6.55 -17.92
N MET B 311 19.58 5.40 -18.38
CA MET B 311 20.42 4.21 -18.69
C MET B 311 21.34 4.55 -19.88
N LYS B 312 20.83 5.29 -20.87
CA LYS B 312 21.59 5.78 -22.05
C LYS B 312 22.86 6.49 -21.57
N GLN B 313 22.70 7.49 -20.69
CA GLN B 313 23.81 8.30 -20.11
C GLN B 313 24.84 7.36 -19.46
N LEU B 314 24.39 6.34 -18.73
CA LEU B 314 25.24 5.40 -17.96
C LEU B 314 25.96 4.45 -18.93
N LEU B 315 25.23 3.84 -19.86
CA LEU B 315 25.79 2.91 -20.88
C LEU B 315 26.93 3.59 -21.62
N ARG B 316 26.75 4.86 -22.01
CA ARG B 316 27.78 5.68 -22.71
C ARG B 316 28.93 5.98 -21.74
N ALA B 317 28.61 6.42 -20.51
CA ALA B 317 29.59 6.78 -19.45
C ALA B 317 30.46 5.56 -19.11
N LEU B 318 29.88 4.35 -19.10
CA LEU B 318 30.59 3.07 -18.89
C LEU B 318 31.48 2.78 -20.11
N GLU B 319 30.93 2.95 -21.32
CA GLU B 319 31.64 2.73 -22.62
C GLU B 319 32.88 3.61 -22.69
N GLU B 320 32.79 4.87 -22.24
CA GLU B 320 33.86 5.89 -22.29
C GLU B 320 34.69 5.86 -21.00
N GLY B 321 34.39 4.93 -20.09
CA GLY B 321 35.14 4.71 -18.83
C GLY B 321 35.15 5.96 -17.96
N ARG B 322 34.04 6.70 -17.93
CA ARG B 322 33.88 7.96 -17.17
C ARG B 322 33.35 7.67 -15.76
N VAL B 323 32.69 6.52 -15.57
CA VAL B 323 32.08 6.10 -14.28
C VAL B 323 33.20 5.70 -13.31
N ARG B 324 33.20 6.31 -12.11
CA ARG B 324 34.13 5.98 -10.99
C ARG B 324 33.44 5.01 -10.03
N GLU B 325 32.37 5.47 -9.37
CA GLU B 325 31.65 4.74 -8.29
C GLU B 325 30.13 4.96 -8.44
N VAL B 326 29.36 3.88 -8.33
CA VAL B 326 27.87 3.88 -8.21
C VAL B 326 27.51 3.23 -6.87
N PHE B 327 26.64 3.85 -6.08
CA PHE B 327 26.27 3.36 -4.72
C PHE B 327 24.86 3.81 -4.34
N GLY B 328 24.26 3.09 -3.38
CA GLY B 328 22.96 3.39 -2.77
C GLY B 328 23.12 3.89 -1.34
N SER B 329 22.22 4.76 -0.88
CA SER B 329 22.23 5.37 0.47
C SER B 329 20.86 5.18 1.14
N GLY B 330 20.85 4.56 2.33
CA GLY B 330 19.68 4.44 3.23
C GLY B 330 20.12 4.32 4.69
N THR B 331 19.17 4.15 5.60
CA THR B 331 19.44 3.95 7.06
C THR B 331 20.05 2.55 7.25
N ALA B 332 19.42 1.53 6.66
CA ALA B 332 19.85 0.11 6.72
C ALA B 332 21.29 -0.01 6.20
N OCS B 333 21.52 0.55 5.01
CA OCS B 333 22.84 0.59 4.40
CB OCS B 333 22.92 -0.24 3.13
SG OCS B 333 24.55 -0.32 2.45
C OCS B 333 23.22 2.04 4.12
O OCS B 333 22.64 2.68 3.24
OD1 OCS B 333 25.47 -0.39 3.57
OD3 OCS B 333 24.59 -1.61 1.60
N GLN B 334 24.21 2.54 4.88
CA GLN B 334 24.62 3.94 4.83
C GLN B 334 25.15 4.26 3.42
N VAL B 335 26.11 3.47 2.92
CA VAL B 335 26.73 3.63 1.57
C VAL B 335 26.98 2.24 0.97
N ALA B 336 26.12 1.83 0.02
CA ALA B 336 26.09 0.47 -0.59
C ALA B 336 26.82 0.50 -1.94
N PRO B 337 28.01 -0.13 -2.08
CA PRO B 337 28.70 -0.19 -3.37
C PRO B 337 27.92 -1.07 -4.36
N VAL B 338 27.82 -0.62 -5.62
CA VAL B 338 27.22 -1.38 -6.76
C VAL B 338 28.33 -1.73 -7.75
N HIS B 339 28.50 -3.03 -8.06
CA HIS B 339 29.57 -3.55 -8.95
C HIS B 339 28.99 -4.11 -10.27
N ARG B 340 27.71 -4.51 -10.28
CA ARG B 340 27.06 -5.16 -11.45
C ARG B 340 25.61 -4.69 -11.59
N ILE B 341 25.16 -4.48 -12.83
CA ILE B 341 23.75 -4.14 -13.21
C ILE B 341 23.33 -5.00 -14.40
N LEU B 342 22.34 -5.86 -14.23
CA LEU B 342 21.77 -6.71 -15.32
C LEU B 342 20.60 -5.97 -15.97
N TYR B 343 20.78 -5.55 -17.24
CA TYR B 343 19.82 -4.73 -18.04
C TYR B 343 19.67 -5.35 -19.44
N LYS B 344 18.45 -5.73 -19.81
CA LYS B 344 18.11 -6.36 -21.11
C LYS B 344 18.97 -7.61 -21.33
N ASP B 345 19.05 -8.48 -20.32
CA ASP B 345 19.72 -9.81 -20.39
C ASP B 345 21.23 -9.65 -20.66
N ARG B 346 21.80 -8.48 -20.37
CA ARG B 346 23.25 -8.19 -20.55
C ARG B 346 23.82 -7.57 -19.27
N ASN B 347 24.93 -8.13 -18.76
CA ASN B 347 25.58 -7.71 -17.49
C ASN B 347 26.49 -6.51 -17.76
N LEU B 348 26.19 -5.38 -17.11
CA LEU B 348 27.04 -4.15 -17.10
C LEU B 348 27.90 -4.17 -15.83
N HIS B 349 29.23 -4.23 -16.00
CA HIS B 349 30.20 -4.16 -14.88
C HIS B 349 30.41 -2.70 -14.48
N ILE B 350 30.13 -2.38 -13.21
CA ILE B 350 30.33 -1.02 -12.60
C ILE B 350 31.67 -1.04 -11.87
N PRO B 351 32.65 -0.20 -12.28
CA PRO B 351 34.00 -0.26 -11.71
C PRO B 351 34.14 0.52 -10.38
N THR B 352 33.22 0.29 -9.44
CA THR B 352 33.17 0.98 -8.12
C THR B 352 34.38 0.58 -7.28
N MET B 353 34.62 -0.72 -7.14
CA MET B 353 35.62 -1.30 -6.20
C MET B 353 37.05 -1.09 -6.74
N GLU B 354 37.22 -1.02 -8.06
CA GLU B 354 38.55 -0.77 -8.69
C GLU B 354 38.96 0.69 -8.46
N ASN B 355 37.99 1.59 -8.24
CA ASN B 355 38.22 3.04 -8.00
C ASN B 355 38.19 3.33 -6.49
N GLY B 356 38.57 2.36 -5.65
CA GLY B 356 38.74 2.51 -4.20
C GLY B 356 37.89 1.54 -3.40
N PRO B 357 36.58 1.82 -3.18
CA PRO B 357 35.93 3.04 -3.66
C PRO B 357 36.20 4.26 -2.76
N GLU B 358 36.90 5.27 -3.30
CA GLU B 358 37.42 6.44 -2.55
C GLU B 358 36.26 7.16 -1.85
N LEU B 359 35.34 7.74 -2.64
CA LEU B 359 34.23 8.60 -2.14
C LEU B 359 33.39 7.83 -1.12
N ILE B 360 33.08 6.56 -1.40
CA ILE B 360 32.26 5.68 -0.53
C ILE B 360 32.96 5.53 0.83
N LEU B 361 34.22 5.09 0.82
CA LEU B 361 35.05 4.86 2.03
C LEU B 361 35.15 6.15 2.84
N ARG B 362 35.31 7.29 2.15
CA ARG B 362 35.40 8.64 2.77
C ARG B 362 34.08 8.97 3.47
N PHE B 363 32.96 8.86 2.76
CA PHE B 363 31.59 9.14 3.28
C PHE B 363 31.35 8.33 4.55
N GLN B 364 31.58 7.01 4.49
CA GLN B 364 31.38 6.07 5.61
C GLN B 364 32.23 6.51 6.81
N LYS B 365 33.51 6.78 6.57
CA LYS B 365 34.50 7.17 7.62
C LYS B 365 33.96 8.38 8.39
N GLU B 366 33.58 9.44 7.68
CA GLU B 366 33.12 10.72 8.27
C GLU B 366 31.78 10.51 8.98
N LEU B 367 30.86 9.76 8.35
CA LEU B 367 29.54 9.38 8.94
C LEU B 367 29.76 8.61 10.25
N LYS B 368 30.68 7.64 10.24
CA LYS B 368 31.02 6.80 11.42
C LYS B 368 31.56 7.70 12.54
N GLU B 369 32.42 8.66 12.20
CA GLU B 369 33.02 9.62 13.17
C GLU B 369 31.92 10.51 13.77
N ILE B 370 31.03 11.04 12.93
CA ILE B 370 29.88 11.91 13.33
C ILE B 370 28.95 11.11 14.23
N GLN B 371 28.56 9.90 13.82
CA GLN B 371 27.47 9.09 14.41
C GLN B 371 27.89 8.53 15.78
N TYR B 372 29.08 7.91 15.85
CA TYR B 372 29.60 7.25 17.09
C TYR B 372 30.31 8.27 17.99
N GLY B 373 30.13 9.57 17.73
CA GLY B 373 30.46 10.66 18.68
C GLY B 373 31.92 11.08 18.62
N ILE B 374 32.75 10.40 17.81
CA ILE B 374 34.21 10.67 17.66
C ILE B 374 34.42 12.13 17.24
N ARG B 375 33.53 12.66 16.41
CA ARG B 375 33.52 14.07 15.94
C ARG B 375 32.16 14.69 16.29
N ALA B 376 32.16 15.78 17.07
CA ALA B 376 30.93 16.52 17.47
C ALA B 376 30.33 17.18 16.24
N HIS B 377 29.00 17.10 16.08
CA HIS B 377 28.23 17.63 14.92
C HIS B 377 26.81 17.99 15.36
N GLU B 378 26.23 19.01 14.72
CA GLU B 378 24.86 19.54 15.00
C GLU B 378 23.80 18.49 14.62
N TRP B 379 24.16 17.55 13.73
CA TRP B 379 23.27 16.46 13.22
C TRP B 379 22.87 15.51 14.33
N MET B 380 23.79 15.21 15.27
CA MET B 380 23.57 14.21 16.35
C MET B 380 22.67 14.81 17.44
N PHE B 381 21.70 14.03 17.91
CA PHE B 381 20.74 14.36 18.99
C PHE B 381 20.97 13.42 20.17
N PRO B 382 21.48 13.92 21.32
CA PRO B 382 21.81 13.06 22.45
C PRO B 382 20.57 12.57 23.19
N VAL B 383 20.61 11.33 23.69
CA VAL B 383 19.50 10.69 24.45
C VAL B 383 19.61 11.12 25.92
N1 PLP C . -13.00 -0.58 -8.85
C2 PLP C . -12.17 -0.53 -7.81
C2A PLP C . -10.99 0.39 -7.88
C3 PLP C . -12.41 -1.32 -6.68
O3 PLP C . -11.54 -1.24 -5.65
C4 PLP C . -13.52 -2.18 -6.64
C4A PLP C . -13.75 -3.01 -5.46
C5 PLP C . -14.37 -2.22 -7.77
C6 PLP C . -14.07 -1.40 -8.83
C5A PLP C . -15.60 -3.07 -7.82
O4P PLP C . -15.29 -4.48 -8.08
P PLP C . -16.51 -5.45 -8.44
O1P PLP C . -17.53 -5.24 -7.34
O2P PLP C . -15.95 -6.86 -8.47
O3P PLP C . -17.02 -4.99 -9.80
N1 PLP D . 14.72 4.88 -0.53
C2 PLP D . 13.55 4.25 -0.42
C2A PLP D . 12.78 3.95 -1.67
C3 PLP D . 13.05 3.88 0.83
O3 PLP D . 11.86 3.25 0.89
C4 PLP D . 13.80 4.17 2.00
C4A PLP D . 13.29 3.79 3.31
C5 PLP D . 15.03 4.84 1.84
C6 PLP D . 15.44 5.17 0.58
C5A PLP D . 15.91 5.20 3.02
O4P PLP D . 15.67 6.57 3.44
P PLP D . 16.70 7.28 4.46
O1P PLP D . 15.90 8.40 5.12
O2P PLP D . 17.12 6.21 5.43
O3P PLP D . 17.85 7.79 3.62
#